data_7ZNT
#
_entry.id   7ZNT
#
_cell.length_a   82.640
_cell.length_b   82.640
_cell.length_c   169.600
_cell.angle_alpha   90.000
_cell.angle_beta   90.000
_cell.angle_gamma   120.000
#
_symmetry.space_group_name_H-M   'P 32'
#
loop_
_entity.id
_entity.type
_entity.pdbx_description
1 polymer Elongin-B
2 polymer Elongin-C
3 polymer 'von Hippel-Lindau disease tumor suppressor'
4 polymer 'Bromodomain-containing protein 4'
5 non-polymer (2~{S},4~{R})-1-[(2~{R})-3-[6-[2-[(9~{S})-7-(4-chlorophenyl)-4,5,13-trimethyl-3-thia-1,8,11,12-tetrazatricyclo[8.3.0.0^{2,6}]trideca-2(6),4,7,10,12-pentaen-9-yl]ethanoylamino]hexylsulfanyl]-2-[(1-fluoranylcyclopropyl)carbonylamino]-3-methyl-butanoyl]-~{N}-[[4-(4-methyl-1,3-thiazol-5-yl)phenyl]methyl]-4-oxidanyl-pyrrolidine-2-carboxamide
6 water water
#
loop_
_entity_poly.entity_id
_entity_poly.type
_entity_poly.pdbx_seq_one_letter_code
_entity_poly.pdbx_strand_id
1 'polypeptide(L)'
;MDVFLMIRRHKTTIFTDAKESSTVFELKRIVEGILKRPPDEQRLYKDDQLLDDGKTLGECGFTSQTARPQAPATVGLAFR
ADDTFEALCIEPFSSPPELPDVMK
;
A,D
2 'polypeptide(L)'
;MMYVKLISSDGHEFIVKREHALTSGTIKAMLSGPGQFAENETNEVNFREIPSHVLSKVCMYFTYKVRYTNSSTEIPEFPI
APEIALELLMAANFLDC
;
B,E
3 'polypeptide(L)'
;GSMEAGRPRPVLRSVNSREPSQVIFCNRSPRVVLPVWLNFDGEPQPYPTLPPGTGRRIHSYRGHLWLFRDAGTHDGLLVN
QTELFVPSLNVDGQPIFANITLPVYTLKERCLQVVRSLVKPENYRRLDIVRSLYEDLEDHPNVQKDLERLTQERIAHQRM
GD
;
C,F
4 'polypeptide(L)'
;SMKDVPDSQQHPAPEKSSKVSEQLKCCSGILKEMFAKKHAAYAWPFYKPVDVEALGLHDYCDIIKHPMDMSTIKSKLEAR
EYRDAQEFGADVRLMFSNCYKYNPPDHEVVAMARKLQDVFEMRFAKMPDE
;
G,H
#
# COMPACT_ATOMS: atom_id res chain seq x y z
N MET A 1 -11.95 -8.97 -12.10
CA MET A 1 -11.12 -9.70 -11.10
C MET A 1 -10.85 -11.12 -11.63
N ASP A 2 -9.59 -11.55 -11.64
CA ASP A 2 -9.15 -12.84 -12.26
C ASP A 2 -9.35 -13.99 -11.26
N VAL A 3 -9.85 -15.12 -11.77
CA VAL A 3 -10.08 -16.39 -11.01
C VAL A 3 -9.17 -17.46 -11.61
N PHE A 4 -8.41 -18.17 -10.77
CA PHE A 4 -7.41 -19.18 -11.19
C PHE A 4 -7.96 -20.58 -10.87
N LEU A 5 -8.25 -21.33 -11.94
CA LEU A 5 -8.96 -22.63 -11.87
C LEU A 5 -7.99 -23.78 -12.16
N MET A 6 -8.32 -24.96 -11.65
CA MET A 6 -7.63 -26.25 -11.88
C MET A 6 -8.68 -27.23 -12.41
N ILE A 7 -8.80 -27.35 -13.74
CA ILE A 7 -9.84 -28.18 -14.42
C ILE A 7 -9.33 -29.62 -14.48
N ARG A 8 -10.05 -30.56 -13.86
CA ARG A 8 -9.57 -31.92 -13.54
C ARG A 8 -10.53 -33.00 -14.07
N ARG A 9 -9.97 -34.13 -14.50
CA ARG A 9 -10.69 -35.33 -15.00
C ARG A 9 -9.70 -36.49 -15.10
N HIS A 10 -10.01 -37.64 -14.46
CA HIS A 10 -9.14 -38.84 -14.39
C HIS A 10 -7.75 -38.41 -13.88
N LYS A 11 -6.70 -38.62 -14.67
CA LYS A 11 -5.28 -38.27 -14.34
C LYS A 11 -4.82 -37.12 -15.23
N THR A 12 -5.75 -36.22 -15.62
CA THR A 12 -5.45 -34.96 -16.34
C THR A 12 -5.90 -33.78 -15.47
N THR A 13 -5.26 -32.62 -15.66
CA THR A 13 -5.43 -31.41 -14.82
C THR A 13 -4.94 -30.20 -15.62
N ILE A 14 -5.83 -29.24 -15.90
CA ILE A 14 -5.53 -28.02 -16.72
C ILE A 14 -5.50 -26.81 -15.79
N PHE A 15 -4.35 -26.14 -15.68
CA PHE A 15 -4.16 -24.85 -14.98
C PHE A 15 -4.42 -23.72 -15.97
N THR A 16 -5.49 -22.95 -15.74
CA THR A 16 -5.89 -21.79 -16.58
C THR A 16 -6.59 -20.75 -15.70
N ASP A 17 -6.49 -19.49 -16.10
CA ASP A 17 -7.18 -18.35 -15.44
C ASP A 17 -8.40 -17.97 -16.27
N ALA A 18 -9.26 -17.12 -15.73
CA ALA A 18 -10.52 -16.65 -16.35
C ALA A 18 -11.07 -15.49 -15.53
N LYS A 19 -11.83 -14.59 -16.17
CA LYS A 19 -12.50 -13.45 -15.50
C LYS A 19 -13.62 -13.99 -14.61
N GLU A 20 -13.98 -13.25 -13.55
CA GLU A 20 -15.11 -13.58 -12.65
C GLU A 20 -16.42 -13.41 -13.45
N SER A 21 -16.46 -12.45 -14.37
CA SER A 21 -17.61 -12.12 -15.25
C SER A 21 -17.74 -13.14 -16.38
N SER A 22 -16.70 -13.94 -16.64
CA SER A 22 -16.67 -15.03 -17.66
C SER A 22 -17.74 -16.09 -17.32
N THR A 23 -18.31 -16.73 -18.34
CA THR A 23 -19.39 -17.75 -18.21
C THR A 23 -18.77 -19.15 -18.21
N VAL A 24 -19.55 -20.14 -17.74
CA VAL A 24 -19.15 -21.58 -17.66
C VAL A 24 -18.92 -22.11 -19.08
N PHE A 25 -19.64 -21.57 -20.07
CA PHE A 25 -19.53 -21.94 -21.51
C PHE A 25 -18.17 -21.52 -22.08
N GLU A 26 -17.72 -20.32 -21.75
CA GLU A 26 -16.42 -19.74 -22.20
C GLU A 26 -15.26 -20.59 -21.65
N LEU A 27 -15.48 -21.27 -20.52
CA LEU A 27 -14.49 -22.18 -19.88
C LEU A 27 -14.44 -23.51 -20.65
N LYS A 28 -15.60 -23.98 -21.14
CA LYS A 28 -15.72 -25.17 -22.02
C LYS A 28 -15.02 -24.91 -23.36
N ARG A 29 -15.06 -23.66 -23.83
CA ARG A 29 -14.41 -23.20 -25.08
C ARG A 29 -12.88 -23.32 -24.95
N ILE A 30 -12.34 -23.07 -23.76
CA ILE A 30 -10.88 -23.19 -23.46
C ILE A 30 -10.51 -24.67 -23.41
N VAL A 31 -11.31 -25.49 -22.72
CA VAL A 31 -11.14 -26.97 -22.60
C VAL A 31 -11.10 -27.59 -24.00
N GLU A 32 -12.01 -27.14 -24.89
CA GLU A 32 -12.07 -27.58 -26.30
C GLU A 32 -10.74 -27.24 -26.99
N GLY A 33 -10.27 -25.99 -26.85
CA GLY A 33 -9.03 -25.49 -27.45
C GLY A 33 -7.82 -26.35 -27.09
N ILE A 34 -7.86 -27.00 -25.92
CA ILE A 34 -6.74 -27.80 -25.34
C ILE A 34 -6.95 -29.29 -25.66
N LEU A 35 -8.06 -29.87 -25.22
CA LEU A 35 -8.30 -31.35 -25.25
C LEU A 35 -9.12 -31.75 -26.49
N LYS A 36 -9.47 -30.79 -27.36
CA LYS A 36 -10.12 -31.03 -28.69
C LYS A 36 -11.42 -31.82 -28.51
N ARG A 37 -12.41 -31.20 -27.86
CA ARG A 37 -13.74 -31.78 -27.55
C ARG A 37 -14.80 -30.68 -27.55
N PRO A 38 -15.69 -30.61 -28.57
CA PRO A 38 -16.79 -29.65 -28.58
C PRO A 38 -17.48 -29.44 -27.23
N PRO A 39 -17.98 -28.21 -26.95
CA PRO A 39 -18.50 -27.86 -25.62
C PRO A 39 -19.74 -28.66 -25.18
N ASP A 40 -20.57 -29.10 -26.14
CA ASP A 40 -21.81 -29.87 -25.87
C ASP A 40 -21.46 -31.28 -25.36
N GLU A 41 -20.22 -31.74 -25.56
CA GLU A 41 -19.76 -33.10 -25.20
C GLU A 41 -19.02 -33.10 -23.84
N GLN A 42 -19.02 -31.98 -23.13
CA GLN A 42 -18.34 -31.85 -21.80
C GLN A 42 -19.31 -31.24 -20.77
N ARG A 43 -19.13 -31.60 -19.50
CA ARG A 43 -19.86 -31.04 -18.32
C ARG A 43 -18.82 -30.55 -17.31
N LEU A 44 -19.15 -29.47 -16.58
CA LEU A 44 -18.27 -28.87 -15.53
C LEU A 44 -19.00 -28.93 -14.17
N TYR A 45 -18.32 -29.44 -13.14
CA TYR A 45 -18.86 -29.64 -11.77
C TYR A 45 -18.04 -28.81 -10.78
N LYS A 46 -18.67 -28.45 -9.66
CA LYS A 46 -18.00 -27.87 -8.46
C LYS A 46 -18.44 -28.65 -7.22
N ASP A 47 -17.70 -29.71 -6.87
CA ASP A 47 -17.95 -30.58 -5.69
C ASP A 47 -19.28 -31.32 -5.88
N ASP A 48 -19.42 -32.02 -7.02
CA ASP A 48 -20.61 -32.83 -7.39
C ASP A 48 -21.82 -31.92 -7.58
N GLN A 49 -21.66 -30.84 -8.35
CA GLN A 49 -22.70 -29.81 -8.63
C GLN A 49 -22.58 -29.35 -10.09
N LEU A 50 -23.49 -29.80 -10.95
CA LEU A 50 -23.58 -29.40 -12.38
C LEU A 50 -23.67 -27.87 -12.48
N LEU A 51 -22.90 -27.27 -13.40
CA LEU A 51 -22.86 -25.81 -13.67
C LEU A 51 -23.56 -25.53 -15.00
N ASP A 52 -24.54 -24.61 -15.02
CA ASP A 52 -25.24 -24.17 -16.26
C ASP A 52 -24.25 -23.37 -17.12
N ASP A 53 -24.35 -23.51 -18.44
CA ASP A 53 -23.48 -22.82 -19.45
C ASP A 53 -23.73 -21.30 -19.41
N GLY A 54 -24.94 -20.88 -19.03
CA GLY A 54 -25.35 -19.46 -18.99
C GLY A 54 -24.80 -18.72 -17.77
N LYS A 55 -24.61 -19.42 -16.65
CA LYS A 55 -24.11 -18.84 -15.36
C LYS A 55 -22.67 -18.36 -15.52
N THR A 56 -22.30 -17.28 -14.81
CA THR A 56 -20.90 -16.74 -14.73
C THR A 56 -20.17 -17.47 -13.60
N LEU A 57 -18.83 -17.49 -13.65
CA LEU A 57 -17.96 -18.20 -12.68
C LEU A 57 -18.15 -17.61 -11.28
N GLY A 58 -18.39 -16.30 -11.19
CA GLY A 58 -18.71 -15.58 -9.95
C GLY A 58 -19.98 -16.10 -9.30
N GLU A 59 -21.02 -16.35 -10.11
CA GLU A 59 -22.34 -16.87 -9.66
C GLU A 59 -22.22 -18.34 -9.24
N CYS A 60 -21.23 -19.06 -9.76
CA CYS A 60 -20.95 -20.48 -9.45
C CYS A 60 -20.20 -20.60 -8.11
N GLY A 61 -19.57 -19.51 -7.65
CA GLY A 61 -18.91 -19.41 -6.33
C GLY A 61 -17.39 -19.25 -6.45
N PHE A 62 -16.84 -19.30 -7.67
CA PHE A 62 -15.41 -19.00 -7.94
C PHE A 62 -15.22 -17.48 -7.86
N THR A 63 -14.48 -17.03 -6.84
CA THR A 63 -14.17 -15.59 -6.58
C THR A 63 -12.65 -15.44 -6.40
N SER A 64 -12.17 -14.20 -6.33
CA SER A 64 -10.75 -13.82 -6.14
C SER A 64 -10.19 -14.49 -4.87
N GLN A 65 -10.99 -14.61 -3.81
CA GLN A 65 -10.59 -15.17 -2.49
C GLN A 65 -10.55 -16.70 -2.55
N THR A 66 -11.48 -17.33 -3.29
CA THR A 66 -11.62 -18.81 -3.39
C THR A 66 -10.58 -19.38 -4.36
N ALA A 67 -10.48 -18.80 -5.55
CA ALA A 67 -9.65 -19.28 -6.68
C ALA A 67 -8.43 -18.35 -6.86
N ARG A 68 -7.35 -18.64 -6.13
CA ARG A 68 -6.11 -17.81 -6.15
C ARG A 68 -5.01 -18.56 -6.89
N PRO A 69 -4.00 -17.85 -7.44
CA PRO A 69 -2.87 -18.49 -8.14
C PRO A 69 -2.24 -19.64 -7.33
N GLN A 70 -1.84 -19.35 -6.09
CA GLN A 70 -1.10 -20.28 -5.19
C GLN A 70 -2.03 -21.40 -4.67
N ALA A 71 -3.35 -21.18 -4.71
CA ALA A 71 -4.39 -22.11 -4.20
C ALA A 71 -5.59 -22.09 -5.15
N PRO A 72 -5.47 -22.66 -6.37
CA PRO A 72 -6.54 -22.61 -7.35
C PRO A 72 -7.72 -23.51 -6.97
N ALA A 73 -8.92 -23.16 -7.43
CA ALA A 73 -10.19 -23.87 -7.17
C ALA A 73 -10.36 -25.00 -8.18
N THR A 74 -10.81 -26.18 -7.71
CA THR A 74 -10.98 -27.40 -8.54
C THR A 74 -12.32 -27.34 -9.29
N VAL A 75 -12.28 -27.62 -10.59
CA VAL A 75 -13.46 -27.75 -11.49
C VAL A 75 -13.48 -29.18 -12.01
N GLY A 76 -14.56 -29.92 -11.77
CA GLY A 76 -14.77 -31.28 -12.30
C GLY A 76 -15.06 -31.25 -13.79
N LEU A 77 -14.59 -32.25 -14.54
CA LEU A 77 -14.83 -32.37 -16.00
C LEU A 77 -15.21 -33.81 -16.34
N ALA A 78 -16.21 -33.99 -17.22
CA ALA A 78 -16.69 -35.29 -17.75
C ALA A 78 -16.95 -35.13 -19.26
N PHE A 79 -16.73 -36.20 -20.03
CA PHE A 79 -16.89 -36.25 -21.51
C PHE A 79 -18.07 -37.15 -21.89
N ARG A 80 -18.34 -37.26 -23.21
CA ARG A 80 -19.48 -37.97 -23.84
C ARG A 80 -20.75 -37.12 -23.69
N PHE A 85 -23.25 -39.42 -20.90
CA PHE A 85 -22.12 -38.80 -20.14
C PHE A 85 -21.60 -39.79 -19.09
N GLU A 86 -20.27 -39.90 -18.98
CA GLU A 86 -19.58 -40.74 -17.97
C GLU A 86 -19.77 -40.10 -16.58
N ALA A 87 -19.71 -40.92 -15.53
CA ALA A 87 -19.72 -40.47 -14.12
C ALA A 87 -18.44 -39.67 -13.85
N LEU A 88 -18.56 -38.54 -13.14
CA LEU A 88 -17.41 -37.67 -12.77
C LEU A 88 -16.41 -38.49 -11.95
N CYS A 89 -15.18 -38.60 -12.43
CA CYS A 89 -14.08 -39.38 -11.80
C CYS A 89 -12.78 -38.59 -11.87
N ILE A 90 -12.42 -37.95 -10.76
CA ILE A 90 -11.11 -37.24 -10.54
C ILE A 90 -10.23 -38.14 -9.67
N GLU A 91 -9.20 -38.77 -10.26
CA GLU A 91 -8.17 -39.54 -9.51
C GLU A 91 -7.46 -38.59 -8.55
N PRO A 92 -7.35 -38.92 -7.25
CA PRO A 92 -6.68 -38.05 -6.29
C PRO A 92 -5.16 -38.09 -6.50
N PHE A 93 -4.46 -36.99 -6.17
CA PHE A 93 -2.98 -36.90 -6.21
C PHE A 93 -2.41 -37.87 -5.17
N SER A 94 -1.13 -38.25 -5.32
CA SER A 94 -0.39 -39.16 -4.41
C SER A 94 -0.36 -38.57 -2.99
N SER A 95 -0.05 -39.41 -2.00
CA SER A 95 0.07 -39.02 -0.57
C SER A 95 1.50 -38.58 -0.27
N PRO A 96 1.71 -37.48 0.50
CA PRO A 96 3.04 -37.13 0.99
C PRO A 96 3.43 -38.06 2.13
N PRO A 97 4.73 -38.41 2.28
CA PRO A 97 5.16 -39.30 3.36
C PRO A 97 5.01 -38.66 4.74
N GLU A 98 5.06 -39.48 5.80
CA GLU A 98 5.01 -39.01 7.22
C GLU A 98 6.02 -37.87 7.35
N LEU A 99 5.60 -36.78 8.00
CA LEU A 99 6.51 -35.68 8.42
C LEU A 99 7.77 -36.33 8.98
N PRO A 100 8.96 -36.15 8.34
CA PRO A 100 10.19 -36.76 8.84
C PRO A 100 10.52 -36.26 10.25
N ASP A 101 10.80 -37.17 11.19
CA ASP A 101 11.24 -36.84 12.58
C ASP A 101 12.12 -35.59 12.49
N VAL A 102 11.68 -34.49 13.13
CA VAL A 102 12.22 -33.10 12.96
C VAL A 102 11.62 -32.48 11.69
N MET B 2 1.59 -23.11 -27.39
CA MET B 2 0.68 -22.34 -26.47
C MET B 2 0.68 -23.00 -25.09
N TYR B 3 0.35 -24.29 -25.00
CA TYR B 3 0.35 -25.11 -23.76
C TYR B 3 1.45 -26.17 -23.83
N VAL B 4 1.85 -26.71 -22.67
CA VAL B 4 2.80 -27.86 -22.55
C VAL B 4 2.23 -28.87 -21.55
N LYS B 5 2.65 -30.13 -21.65
CA LYS B 5 2.20 -31.24 -20.77
C LYS B 5 3.35 -31.65 -19.85
N LEU B 6 3.14 -31.60 -18.54
CA LEU B 6 4.09 -32.12 -17.52
C LEU B 6 3.48 -33.39 -16.92
N ILE B 7 4.20 -34.51 -16.97
CA ILE B 7 3.75 -35.84 -16.49
C ILE B 7 4.53 -36.19 -15.22
N SER B 8 3.84 -36.63 -14.17
CA SER B 8 4.41 -37.03 -12.86
C SER B 8 4.80 -38.51 -12.88
N SER B 9 5.57 -38.94 -11.87
CA SER B 9 6.09 -40.32 -11.71
C SER B 9 4.93 -41.33 -11.76
N ASP B 10 3.77 -40.95 -11.25
CA ASP B 10 2.57 -41.82 -11.09
C ASP B 10 1.47 -41.38 -12.08
N GLY B 11 1.83 -41.14 -13.34
CA GLY B 11 0.87 -41.02 -14.46
C GLY B 11 0.33 -39.61 -14.66
N HIS B 12 -0.15 -38.97 -13.59
CA HIS B 12 -0.86 -37.65 -13.62
C HIS B 12 -0.23 -36.72 -14.66
N GLU B 13 -1.07 -36.17 -15.55
CA GLU B 13 -0.69 -35.19 -16.60
C GLU B 13 -1.12 -33.79 -16.13
N PHE B 14 -0.25 -32.79 -16.33
CA PHE B 14 -0.48 -31.38 -15.94
C PHE B 14 -0.30 -30.49 -17.17
N ILE B 15 -1.43 -30.07 -17.77
CA ILE B 15 -1.43 -29.11 -18.93
C ILE B 15 -1.26 -27.71 -18.34
N VAL B 16 -0.23 -27.00 -18.79
CA VAL B 16 0.24 -25.68 -18.23
C VAL B 16 0.71 -24.81 -19.41
N LYS B 17 0.41 -23.52 -19.38
CA LYS B 17 0.85 -22.54 -20.42
C LYS B 17 2.38 -22.61 -20.56
N ARG B 18 2.88 -22.63 -21.79
CA ARG B 18 4.33 -22.73 -22.12
C ARG B 18 5.08 -21.61 -21.37
N GLU B 19 4.60 -20.37 -21.48
CA GLU B 19 5.21 -19.17 -20.85
C GLU B 19 5.29 -19.35 -19.33
N HIS B 20 4.36 -20.09 -18.72
CA HIS B 20 4.33 -20.41 -17.27
C HIS B 20 5.46 -21.39 -16.93
N ALA B 21 5.57 -22.49 -17.69
CA ALA B 21 6.50 -23.62 -17.47
C ALA B 21 7.96 -23.18 -17.68
N LEU B 22 8.20 -22.17 -18.53
CA LEU B 22 9.56 -21.64 -18.85
C LEU B 22 10.15 -20.92 -17.63
N THR B 23 9.34 -20.67 -16.59
CA THR B 23 9.80 -20.16 -15.26
C THR B 23 10.89 -21.07 -14.70
N SER B 24 10.85 -22.37 -15.02
CA SER B 24 11.86 -23.39 -14.66
C SER B 24 12.98 -23.43 -15.70
N GLY B 25 14.24 -23.32 -15.23
CA GLY B 25 15.46 -23.40 -16.07
C GLY B 25 15.63 -24.79 -16.69
N THR B 26 15.35 -25.84 -15.91
CA THR B 26 15.38 -27.26 -16.34
C THR B 26 14.37 -27.48 -17.46
N ILE B 27 13.08 -27.18 -17.22
CA ILE B 27 11.98 -27.38 -18.21
C ILE B 27 12.31 -26.57 -19.47
N LYS B 28 12.76 -25.33 -19.32
CA LYS B 28 13.17 -24.43 -20.43
C LYS B 28 14.22 -25.13 -21.30
N ALA B 29 15.19 -25.79 -20.68
CA ALA B 29 16.31 -26.50 -21.35
C ALA B 29 15.80 -27.78 -22.03
N MET B 30 14.86 -28.50 -21.40
CA MET B 30 14.36 -29.83 -21.85
C MET B 30 13.59 -29.69 -23.17
N LEU B 31 12.75 -28.65 -23.33
CA LEU B 31 11.86 -28.50 -24.53
C LEU B 31 12.25 -27.27 -25.37
N SER B 32 13.44 -26.69 -25.15
CA SER B 32 14.12 -25.80 -26.14
C SER B 32 14.99 -26.68 -27.05
N GLY B 33 15.90 -26.07 -27.83
CA GLY B 33 16.77 -26.78 -28.78
C GLY B 33 18.24 -26.44 -28.56
N PRO B 34 19.18 -27.35 -28.95
CA PRO B 34 20.61 -27.05 -28.88
C PRO B 34 21.08 -25.97 -29.88
N GLY B 35 20.78 -26.14 -31.18
CA GLY B 35 21.18 -25.21 -32.25
C GLY B 35 20.22 -25.24 -33.42
N GLU B 41 12.18 -29.38 -30.93
CA GLU B 41 11.36 -28.86 -29.80
C GLU B 41 10.15 -29.77 -29.56
N THR B 42 9.79 -29.97 -28.30
CA THR B 42 8.73 -30.92 -27.84
C THR B 42 7.65 -30.15 -27.08
N ASN B 43 6.51 -30.81 -26.82
CA ASN B 43 5.32 -30.27 -26.10
C ASN B 43 5.14 -30.98 -24.75
N GLU B 44 5.63 -32.21 -24.62
CA GLU B 44 5.46 -33.08 -23.43
C GLU B 44 6.81 -33.23 -22.70
N VAL B 45 6.79 -33.28 -21.37
CA VAL B 45 7.98 -33.50 -20.49
C VAL B 45 7.59 -34.50 -19.41
N ASN B 46 8.32 -35.61 -19.29
CA ASN B 46 8.04 -36.70 -18.31
C ASN B 46 9.06 -36.62 -17.18
N PHE B 47 8.60 -36.54 -15.93
CA PHE B 47 9.42 -36.59 -14.70
C PHE B 47 9.25 -37.96 -14.04
N ARG B 48 10.33 -38.75 -13.99
CA ARG B 48 10.33 -40.14 -13.47
C ARG B 48 10.35 -40.15 -11.93
N GLU B 49 10.75 -39.04 -11.29
CA GLU B 49 11.05 -39.01 -9.83
C GLU B 49 10.28 -37.88 -9.11
N ILE B 50 9.31 -37.23 -9.77
CA ILE B 50 8.47 -36.18 -9.13
C ILE B 50 7.02 -36.65 -9.13
N PRO B 51 6.41 -36.92 -7.94
CA PRO B 51 5.03 -37.39 -7.87
C PRO B 51 3.98 -36.26 -7.97
N SER B 52 2.71 -36.64 -8.13
CA SER B 52 1.55 -35.74 -8.38
C SER B 52 1.52 -34.58 -7.36
N HIS B 53 1.48 -34.91 -6.07
CA HIS B 53 1.27 -33.94 -4.96
C HIS B 53 2.37 -32.88 -4.97
N VAL B 54 3.54 -33.18 -5.54
CA VAL B 54 4.68 -32.23 -5.66
C VAL B 54 4.51 -31.40 -6.94
N LEU B 55 4.38 -32.06 -8.09
CA LEU B 55 4.36 -31.39 -9.42
C LEU B 55 3.15 -30.44 -9.51
N SER B 56 2.02 -30.81 -8.92
CA SER B 56 0.81 -29.96 -8.82
C SER B 56 1.16 -28.65 -8.11
N LYS B 57 1.88 -28.73 -7.00
CA LYS B 57 2.34 -27.55 -6.20
C LYS B 57 3.31 -26.71 -7.03
N VAL B 58 4.15 -27.34 -7.85
CA VAL B 58 5.17 -26.66 -8.70
C VAL B 58 4.45 -25.85 -9.77
N CYS B 59 3.39 -26.40 -10.35
CA CYS B 59 2.52 -25.74 -11.36
C CYS B 59 1.81 -24.54 -10.72
N MET B 60 1.33 -24.69 -9.49
CA MET B 60 0.72 -23.58 -8.70
C MET B 60 1.74 -22.47 -8.52
N TYR B 61 3.00 -22.82 -8.23
CA TYR B 61 4.10 -21.84 -8.10
C TYR B 61 4.30 -21.09 -9.43
N PHE B 62 4.23 -21.79 -10.56
CA PHE B 62 4.42 -21.19 -11.91
C PHE B 62 3.38 -20.08 -12.13
N THR B 63 2.10 -20.35 -11.84
CA THR B 63 0.99 -19.38 -12.06
C THR B 63 1.19 -18.20 -11.09
N TYR B 64 1.53 -18.49 -9.83
CA TYR B 64 1.84 -17.50 -8.76
C TYR B 64 2.97 -16.56 -9.20
N LYS B 65 4.06 -17.15 -9.69
CA LYS B 65 5.31 -16.44 -10.09
C LYS B 65 5.02 -15.51 -11.26
N VAL B 66 4.33 -16.01 -12.29
CA VAL B 66 3.96 -15.23 -13.50
C VAL B 66 3.01 -14.10 -13.09
N ARG B 67 2.12 -14.37 -12.13
CA ARG B 67 1.01 -13.45 -11.73
C ARG B 67 1.55 -12.26 -10.93
N TYR B 68 2.50 -12.48 -10.01
CA TYR B 68 2.85 -11.51 -8.94
C TYR B 68 4.23 -10.87 -9.16
N THR B 69 5.00 -11.28 -10.17
CA THR B 69 6.25 -10.58 -10.57
C THR B 69 5.88 -9.22 -11.17
N ASN B 70 4.69 -9.09 -11.77
CA ASN B 70 4.22 -7.86 -12.44
C ASN B 70 3.62 -6.88 -11.41
N SER B 71 3.17 -7.39 -10.26
CA SER B 71 2.60 -6.60 -9.14
C SER B 71 3.64 -5.59 -8.63
N SER B 72 3.21 -4.52 -7.98
CA SER B 72 4.10 -3.47 -7.42
C SER B 72 3.66 -2.99 -6.02
N THR B 73 2.50 -3.43 -5.52
CA THR B 73 1.84 -2.84 -4.33
C THR B 73 1.88 -3.81 -3.14
N GLU B 74 1.48 -5.05 -3.37
CA GLU B 74 1.33 -6.10 -2.33
C GLU B 74 1.18 -7.45 -3.02
N ILE B 75 1.97 -8.44 -2.62
CA ILE B 75 1.80 -9.86 -3.07
C ILE B 75 1.55 -10.71 -1.83
N PRO B 76 0.80 -11.83 -1.96
CA PRO B 76 0.60 -12.75 -0.85
C PRO B 76 1.77 -13.73 -0.70
N GLU B 77 1.88 -14.36 0.47
CA GLU B 77 2.83 -15.45 0.74
C GLU B 77 2.44 -16.65 -0.15
N PHE B 78 3.44 -17.40 -0.65
CA PHE B 78 3.24 -18.71 -1.31
C PHE B 78 3.21 -19.78 -0.22
N PRO B 79 2.04 -20.39 0.06
CA PRO B 79 1.92 -21.34 1.16
C PRO B 79 2.57 -22.68 0.81
N ILE B 80 3.16 -23.34 1.81
CA ILE B 80 3.75 -24.71 1.70
C ILE B 80 3.46 -25.45 3.00
N ALA B 81 2.59 -26.47 2.95
CA ALA B 81 2.27 -27.36 4.08
C ALA B 81 3.55 -28.06 4.53
N PRO B 82 3.86 -28.10 5.84
CA PRO B 82 5.02 -28.85 6.36
C PRO B 82 5.24 -30.23 5.72
N GLU B 83 4.15 -30.93 5.38
CA GLU B 83 4.16 -32.31 4.81
C GLU B 83 4.94 -32.34 3.49
N ILE B 84 4.71 -31.36 2.62
CA ILE B 84 5.25 -31.30 1.23
C ILE B 84 6.63 -30.62 1.21
N ALA B 85 6.96 -29.87 2.26
CA ALA B 85 8.13 -28.95 2.32
C ALA B 85 9.40 -29.62 1.82
N LEU B 86 9.74 -30.81 2.35
CA LEU B 86 11.02 -31.50 2.04
C LEU B 86 11.07 -31.92 0.57
N GLU B 87 10.02 -32.57 0.06
CA GLU B 87 9.96 -33.08 -1.33
C GLU B 87 9.93 -31.91 -2.32
N LEU B 88 9.21 -30.83 -1.98
CA LEU B 88 9.07 -29.63 -2.85
C LEU B 88 10.43 -28.93 -2.98
N LEU B 89 11.22 -28.89 -1.92
CA LEU B 89 12.60 -28.33 -1.92
C LEU B 89 13.45 -29.08 -2.97
N MET B 90 13.51 -30.40 -2.86
CA MET B 90 14.33 -31.28 -3.75
C MET B 90 13.89 -31.09 -5.20
N ALA B 91 12.58 -30.93 -5.43
CA ALA B 91 11.97 -30.68 -6.75
C ALA B 91 12.40 -29.30 -7.27
N ALA B 92 12.27 -28.27 -6.43
CA ALA B 92 12.63 -26.86 -6.74
C ALA B 92 14.11 -26.78 -7.12
N ASN B 93 14.95 -27.59 -6.47
CA ASN B 93 16.41 -27.68 -6.73
C ASN B 93 16.65 -28.28 -8.13
N PHE B 94 16.00 -29.40 -8.42
CA PHE B 94 16.11 -30.15 -9.71
C PHE B 94 15.64 -29.27 -10.86
N LEU B 95 14.54 -28.52 -10.67
CA LEU B 95 13.84 -27.74 -11.73
C LEU B 95 14.50 -26.37 -11.92
N ASP B 96 15.31 -25.91 -10.96
CA ASP B 96 15.97 -24.58 -10.99
C ASP B 96 14.91 -23.48 -11.14
N CYS B 97 14.03 -23.35 -10.14
CA CYS B 97 13.01 -22.28 -10.03
C CYS B 97 12.78 -21.91 -8.56
N PRO C 10 31.85 1.18 4.16
CA PRO C 10 32.04 2.60 3.85
C PRO C 10 31.83 2.95 2.37
N VAL C 11 30.97 2.19 1.67
CA VAL C 11 30.45 2.53 0.30
C VAL C 11 28.92 2.66 0.39
N LEU C 12 28.25 1.62 0.90
CA LEU C 12 26.81 1.67 1.30
C LEU C 12 26.73 2.19 2.75
N ARG C 13 26.42 3.47 2.89
CA ARG C 13 26.26 4.16 4.21
C ARG C 13 25.30 5.34 4.04
N SER C 14 24.70 5.80 5.13
CA SER C 14 23.93 7.06 5.19
C SER C 14 24.91 8.24 5.15
N VAL C 15 24.58 9.28 4.37
CA VAL C 15 25.30 10.59 4.39
C VAL C 15 24.79 11.36 5.60
N ASN C 16 25.68 12.04 6.34
CA ASN C 16 25.31 12.85 7.53
C ASN C 16 24.94 14.26 7.07
N SER C 17 23.93 14.38 6.19
CA SER C 17 23.19 15.63 5.95
C SER C 17 22.30 15.86 7.17
N ARG C 18 22.08 17.11 7.56
CA ARG C 18 21.09 17.47 8.61
C ARG C 18 19.86 18.04 7.91
N GLU C 19 19.56 17.54 6.70
CA GLU C 19 18.41 17.92 5.86
C GLU C 19 17.27 16.95 6.18
N PRO C 20 16.19 17.38 6.86
CA PRO C 20 15.12 16.47 7.26
C PRO C 20 14.34 15.93 6.06
N SER C 21 13.72 14.76 6.23
CA SER C 21 12.89 14.07 5.21
C SER C 21 11.75 13.29 5.90
N GLN C 22 10.52 13.77 5.74
CA GLN C 22 9.30 13.13 6.28
C GLN C 22 8.96 11.93 5.38
N VAL C 23 8.96 10.73 5.97
CA VAL C 23 8.77 9.43 5.26
C VAL C 23 7.57 8.71 5.89
N ILE C 24 6.92 7.81 5.14
CA ILE C 24 5.92 6.84 5.67
C ILE C 24 6.42 5.42 5.36
N PHE C 25 6.73 4.63 6.40
CA PHE C 25 6.94 3.17 6.29
C PHE C 25 5.55 2.51 6.31
N CYS C 26 5.29 1.66 5.32
CA CYS C 26 4.02 0.92 5.14
C CYS C 26 4.32 -0.56 4.94
N ASN C 27 3.93 -1.40 5.91
CA ASN C 27 4.18 -2.86 5.88
C ASN C 27 3.01 -3.55 5.16
N ARG C 28 3.15 -3.79 3.85
CA ARG C 28 2.16 -4.55 3.04
C ARG C 28 2.69 -5.96 2.77
N SER C 29 3.38 -6.54 3.76
CA SER C 29 3.78 -7.97 3.81
C SER C 29 3.03 -8.65 4.95
N PRO C 30 2.85 -9.99 4.89
CA PRO C 30 2.28 -10.73 6.02
C PRO C 30 3.29 -11.03 7.13
N ARG C 31 4.54 -10.61 6.96
CA ARG C 31 5.66 -10.80 7.93
C ARG C 31 5.75 -9.60 8.87
N VAL C 32 6.37 -9.77 10.03
CA VAL C 32 6.76 -8.67 10.96
C VAL C 32 8.09 -8.09 10.42
N VAL C 33 8.10 -6.81 10.08
CA VAL C 33 9.23 -6.14 9.37
C VAL C 33 10.16 -5.48 10.39
N LEU C 34 11.47 -5.69 10.22
CA LEU C 34 12.55 -5.09 11.03
C LEU C 34 13.29 -4.11 10.13
N PRO C 35 13.04 -2.78 10.27
CA PRO C 35 13.75 -1.79 9.46
C PRO C 35 15.21 -1.70 9.93
N VAL C 36 16.14 -1.57 9.00
CA VAL C 36 17.60 -1.47 9.31
C VAL C 36 18.11 -0.19 8.65
N TRP C 37 18.48 0.78 9.47
CA TRP C 37 19.17 2.03 9.04
C TRP C 37 20.67 1.74 8.95
N LEU C 38 21.29 2.02 7.81
CA LEU C 38 22.77 1.98 7.67
C LEU C 38 23.34 3.30 8.20
N ASN C 39 24.04 3.25 9.34
CA ASN C 39 24.58 4.47 10.01
C ASN C 39 25.73 5.01 9.16
N PHE C 40 26.40 6.06 9.65
CA PHE C 40 27.36 6.90 8.88
C PHE C 40 28.65 6.11 8.58
N ASP C 41 28.88 4.99 9.27
CA ASP C 41 30.05 4.10 9.08
C ASP C 41 29.66 2.86 8.25
N GLY C 42 28.39 2.75 7.86
CA GLY C 42 27.87 1.63 7.05
C GLY C 42 27.43 0.45 7.89
N GLU C 43 27.53 0.55 9.23
CA GLU C 43 27.10 -0.52 10.18
C GLU C 43 25.58 -0.54 10.23
N PRO C 44 24.92 -1.71 10.18
CA PRO C 44 23.46 -1.79 10.20
C PRO C 44 22.87 -1.67 11.62
N GLN C 45 21.87 -0.80 11.80
CA GLN C 45 21.20 -0.54 13.10
C GLN C 45 19.75 -1.03 13.04
N PRO C 46 19.33 -1.92 13.97
CA PRO C 46 17.93 -2.34 14.04
C PRO C 46 17.05 -1.24 14.65
N TYR C 47 15.91 -0.97 14.04
CA TYR C 47 14.86 -0.04 14.54
C TYR C 47 13.67 -0.87 15.01
N PRO C 48 12.70 -0.29 15.75
CA PRO C 48 11.55 -1.05 16.24
C PRO C 48 10.78 -1.67 15.06
N THR C 49 10.24 -2.86 15.25
CA THR C 49 9.60 -3.69 14.19
C THR C 49 8.21 -3.12 13.88
N LEU C 50 7.77 -3.28 12.62
CA LEU C 50 6.41 -2.90 12.13
C LEU C 50 5.55 -4.16 12.05
N PRO C 51 4.40 -4.25 12.78
CA PRO C 51 3.49 -5.39 12.63
C PRO C 51 2.92 -5.44 11.21
N PRO C 52 2.42 -6.60 10.74
CA PRO C 52 1.89 -6.72 9.38
C PRO C 52 0.64 -5.86 9.15
N GLY C 53 0.54 -5.22 7.98
CA GLY C 53 -0.61 -4.41 7.56
C GLY C 53 -0.61 -3.01 8.17
N THR C 54 0.34 -2.71 9.07
CA THR C 54 0.43 -1.40 9.76
C THR C 54 1.34 -0.47 8.98
N GLY C 55 1.13 0.84 9.13
CA GLY C 55 2.01 1.91 8.63
C GLY C 55 2.23 2.97 9.71
N ARG C 56 3.25 3.81 9.53
CA ARG C 56 3.55 4.90 10.48
C ARG C 56 4.43 5.98 9.83
N ARG C 57 4.28 7.21 10.30
CA ARG C 57 5.12 8.36 9.93
C ARG C 57 6.53 8.13 10.48
N ILE C 58 7.55 8.50 9.71
CA ILE C 58 8.99 8.34 10.07
C ILE C 58 9.72 9.65 9.79
N HIS C 59 10.43 10.16 10.79
CA HIS C 59 11.41 11.25 10.63
C HIS C 59 12.75 10.63 10.23
N SER C 60 13.18 10.87 9.00
CA SER C 60 14.54 10.53 8.49
C SER C 60 15.15 11.77 7.85
N TYR C 61 16.28 11.60 7.15
CA TYR C 61 17.07 12.70 6.53
C TYR C 61 17.47 12.29 5.11
N ARG C 62 17.73 13.27 4.25
CA ARG C 62 18.18 13.04 2.85
C ARG C 62 19.46 12.20 2.89
N GLY C 63 19.59 11.26 1.95
CA GLY C 63 20.80 10.45 1.75
C GLY C 63 20.99 9.40 2.83
N HIS C 64 19.93 9.07 3.57
CA HIS C 64 19.94 8.03 4.63
C HIS C 64 19.49 6.70 4.00
N LEU C 65 20.30 5.64 4.12
CA LEU C 65 20.02 4.32 3.50
C LEU C 65 19.24 3.45 4.47
N TRP C 66 18.10 2.91 4.02
CA TRP C 66 17.24 1.96 4.75
C TRP C 66 17.20 0.62 4.01
N LEU C 67 16.77 -0.42 4.71
CA LEU C 67 16.76 -1.83 4.25
C LEU C 67 15.87 -2.62 5.21
N PHE C 68 14.93 -3.41 4.70
CA PHE C 68 13.84 -4.06 5.48
C PHE C 68 14.00 -5.59 5.47
N ARG C 69 13.65 -6.23 6.58
CA ARG C 69 13.87 -7.68 6.85
C ARG C 69 12.71 -8.26 7.64
N ASP C 70 12.49 -9.57 7.53
CA ASP C 70 11.63 -10.35 8.44
C ASP C 70 12.32 -10.34 9.81
N ALA C 71 11.68 -9.75 10.82
CA ALA C 71 12.22 -9.61 12.20
C ALA C 71 12.63 -10.98 12.75
N GLY C 72 11.89 -12.04 12.38
CA GLY C 72 12.09 -13.41 12.90
C GLY C 72 13.24 -14.13 12.23
N THR C 73 13.25 -14.20 10.90
CA THR C 73 14.12 -15.10 10.09
C THR C 73 15.25 -14.31 9.40
N HIS C 74 15.13 -12.99 9.30
CA HIS C 74 16.05 -12.06 8.59
C HIS C 74 15.96 -12.26 7.07
N ASP C 75 14.86 -12.84 6.58
CA ASP C 75 14.53 -12.94 5.14
C ASP C 75 14.45 -11.52 4.56
N GLY C 76 15.11 -11.28 3.42
CA GLY C 76 15.07 -9.97 2.74
C GLY C 76 13.68 -9.62 2.25
N LEU C 77 13.33 -8.33 2.27
CA LEU C 77 12.07 -7.77 1.74
C LEU C 77 12.37 -6.63 0.76
N LEU C 78 11.43 -6.33 -0.12
CA LEU C 78 11.52 -5.20 -1.07
C LEU C 78 10.89 -3.97 -0.45
N VAL C 79 11.30 -2.78 -0.92
CA VAL C 79 10.71 -1.46 -0.56
C VAL C 79 10.60 -0.64 -1.86
N ASN C 80 9.37 -0.39 -2.30
CA ASN C 80 9.07 0.22 -3.62
C ASN C 80 9.76 -0.60 -4.72
N GLN C 81 9.73 -1.93 -4.61
CA GLN C 81 10.18 -2.92 -5.63
C GLN C 81 11.70 -2.90 -5.81
N THR C 82 12.45 -2.38 -4.82
CA THR C 82 13.94 -2.41 -4.77
C THR C 82 14.35 -2.87 -3.36
N GLU C 83 15.64 -3.14 -3.16
CA GLU C 83 16.19 -3.68 -1.89
C GLU C 83 16.50 -2.54 -0.91
N LEU C 84 16.98 -1.40 -1.43
CA LEU C 84 17.38 -0.20 -0.63
C LEU C 84 16.35 0.91 -0.81
N PHE C 85 16.09 1.68 0.25
CA PHE C 85 15.27 2.92 0.22
C PHE C 85 16.12 4.09 0.70
N VAL C 86 16.17 5.15 -0.10
CA VAL C 86 16.89 6.42 0.22
C VAL C 86 15.90 7.58 0.06
N PRO C 87 15.51 8.27 1.15
CA PRO C 87 14.60 9.41 1.04
C PRO C 87 15.15 10.53 0.14
N SER C 88 14.30 11.13 -0.69
CA SER C 88 14.56 12.41 -1.40
C SER C 88 14.24 13.58 -0.45
N LEU C 89 14.23 14.81 -0.96
CA LEU C 89 13.71 16.00 -0.22
C LEU C 89 12.21 16.12 -0.50
N ASN C 90 11.40 16.30 0.55
CA ASN C 90 9.93 16.52 0.46
C ASN C 90 9.65 17.74 -0.41
N VAL C 91 9.23 17.51 -1.66
CA VAL C 91 8.76 18.58 -2.59
C VAL C 91 7.44 19.14 -2.03
N ASP C 92 7.44 20.43 -1.66
CA ASP C 92 6.27 21.16 -1.10
C ASP C 92 5.81 20.51 0.21
N GLY C 93 6.73 19.90 0.97
CA GLY C 93 6.43 19.26 2.27
C GLY C 93 5.62 17.97 2.15
N GLN C 94 5.54 17.40 0.95
CA GLN C 94 4.85 16.11 0.69
C GLN C 94 5.67 14.95 1.26
N PRO C 95 5.07 14.04 2.04
CA PRO C 95 5.78 12.84 2.52
C PRO C 95 6.27 11.94 1.37
N ILE C 96 7.41 11.28 1.58
CA ILE C 96 7.98 10.19 0.72
C ILE C 96 7.46 8.86 1.24
N PHE C 97 6.76 8.09 0.41
CA PHE C 97 6.16 6.78 0.79
C PHE C 97 7.17 5.66 0.53
N ALA C 98 7.33 4.75 1.49
CA ALA C 98 8.16 3.52 1.39
C ALA C 98 7.24 2.32 1.63
N ASN C 99 6.84 1.66 0.53
CA ASN C 99 5.88 0.52 0.49
C ASN C 99 6.67 -0.78 0.58
N ILE C 100 6.61 -1.46 1.73
CA ILE C 100 7.39 -2.69 2.03
C ILE C 100 6.54 -3.91 1.68
N THR C 101 7.06 -4.80 0.84
CA THR C 101 6.36 -5.99 0.29
C THR C 101 7.28 -7.21 0.28
N LEU C 102 6.69 -8.40 0.22
CA LEU C 102 7.41 -9.66 -0.11
C LEU C 102 7.95 -9.54 -1.54
N PRO C 103 9.15 -10.07 -1.82
CA PRO C 103 9.54 -10.35 -3.19
C PRO C 103 8.85 -11.64 -3.63
N VAL C 104 8.76 -11.86 -4.93
CA VAL C 104 8.39 -13.20 -5.50
C VAL C 104 9.61 -14.09 -5.33
N TYR C 105 9.76 -14.73 -4.17
CA TYR C 105 10.87 -15.66 -3.87
C TYR C 105 10.85 -16.79 -4.91
N THR C 106 12.03 -17.26 -5.32
CA THR C 106 12.21 -18.51 -6.09
C THR C 106 11.66 -19.65 -5.21
N LEU C 107 11.01 -20.64 -5.82
CA LEU C 107 10.39 -21.79 -5.10
C LEU C 107 11.42 -22.43 -4.18
N LYS C 108 12.69 -22.48 -4.61
CA LYS C 108 13.84 -23.02 -3.83
C LYS C 108 13.99 -22.22 -2.53
N GLU C 109 14.22 -20.90 -2.62
CA GLU C 109 14.46 -20.03 -1.44
C GLU C 109 13.22 -20.02 -0.53
N ARG C 110 12.04 -20.16 -1.10
CA ARG C 110 10.76 -20.17 -0.35
C ARG C 110 10.64 -21.47 0.44
N CYS C 111 11.09 -22.61 -0.12
CA CYS C 111 11.05 -23.95 0.53
C CYS C 111 12.07 -24.00 1.68
N LEU C 112 13.28 -23.48 1.45
CA LEU C 112 14.35 -23.36 2.48
C LEU C 112 13.78 -22.66 3.71
N GLN C 113 13.08 -21.53 3.53
CA GLN C 113 12.45 -20.75 4.61
C GLN C 113 11.57 -21.65 5.48
N VAL C 114 10.73 -22.48 4.84
CA VAL C 114 9.73 -23.34 5.53
C VAL C 114 10.46 -24.47 6.24
N VAL C 115 11.51 -25.03 5.63
CA VAL C 115 12.31 -26.15 6.22
C VAL C 115 13.08 -25.63 7.42
N ARG C 116 13.62 -24.40 7.33
CA ARG C 116 14.37 -23.71 8.44
C ARG C 116 13.44 -23.47 9.63
N SER C 117 12.19 -23.08 9.36
CA SER C 117 11.18 -22.69 10.38
C SER C 117 10.68 -23.92 11.15
N LEU C 118 10.94 -25.13 10.64
CA LEU C 118 10.45 -26.42 11.22
C LEU C 118 11.60 -27.21 11.84
N VAL C 119 12.81 -27.14 11.27
CA VAL C 119 13.99 -27.95 11.70
C VAL C 119 15.00 -27.04 12.42
N LYS C 120 15.55 -27.53 13.53
CA LYS C 120 16.60 -26.83 14.33
C LYS C 120 17.92 -26.92 13.58
N PRO C 121 18.75 -25.84 13.55
CA PRO C 121 19.99 -25.83 12.79
C PRO C 121 20.94 -27.04 12.95
N GLU C 122 20.95 -27.66 14.13
CA GLU C 122 21.83 -28.83 14.43
C GLU C 122 21.26 -30.10 13.80
N ASN C 123 19.99 -30.09 13.40
CA ASN C 123 19.28 -31.27 12.84
C ASN C 123 19.21 -31.21 11.30
N TYR C 124 19.63 -30.11 10.66
CA TYR C 124 19.68 -29.99 9.18
C TYR C 124 20.41 -31.20 8.60
N ARG C 125 21.48 -31.63 9.28
CA ARG C 125 22.35 -32.78 8.89
C ARG C 125 21.58 -34.10 8.90
N ARG C 126 20.48 -34.19 9.65
CA ARG C 126 19.69 -35.44 9.84
C ARG C 126 18.52 -35.50 8.84
N LEU C 127 18.37 -34.50 7.96
CA LEU C 127 17.39 -34.51 6.84
C LEU C 127 17.95 -35.36 5.70
N ASP C 128 17.13 -36.21 5.09
CA ASP C 128 17.54 -37.15 4.02
C ASP C 128 17.48 -36.42 2.67
N ILE C 129 18.49 -35.60 2.38
CA ILE C 129 18.58 -34.73 1.16
C ILE C 129 20.03 -34.67 0.71
N VAL C 130 20.28 -34.08 -0.47
CA VAL C 130 21.63 -33.97 -1.10
C VAL C 130 22.48 -32.99 -0.28
N ARG C 131 23.81 -33.15 -0.28
CA ARG C 131 24.76 -32.34 0.51
C ARG C 131 24.67 -30.85 0.12
N SER C 132 24.26 -30.54 -1.12
CA SER C 132 24.15 -29.15 -1.65
C SER C 132 22.94 -28.43 -1.04
N LEU C 133 21.95 -29.16 -0.52
CA LEU C 133 20.75 -28.59 0.14
C LEU C 133 21.02 -28.33 1.63
N TYR C 134 21.94 -29.09 2.24
CA TYR C 134 22.46 -28.85 3.61
C TYR C 134 23.13 -27.48 3.66
N GLU C 135 24.07 -27.24 2.75
CA GLU C 135 24.91 -26.01 2.66
C GLU C 135 24.01 -24.81 2.32
N ASP C 136 22.89 -25.03 1.64
CA ASP C 136 21.89 -23.97 1.29
C ASP C 136 21.00 -23.66 2.50
N LEU C 137 20.73 -24.65 3.35
CA LEU C 137 19.93 -24.47 4.60
C LEU C 137 20.73 -23.66 5.61
N GLU C 138 22.00 -24.03 5.84
CA GLU C 138 22.90 -23.43 6.85
C GLU C 138 23.28 -21.99 6.45
N ASP C 139 23.17 -21.66 5.15
CA ASP C 139 23.46 -20.30 4.61
C ASP C 139 22.24 -19.42 4.84
N HIS C 140 21.96 -19.08 6.11
CA HIS C 140 20.83 -18.23 6.55
C HIS C 140 20.87 -16.89 5.82
N PRO C 141 19.70 -16.29 5.51
CA PRO C 141 19.66 -14.90 5.06
C PRO C 141 20.34 -14.00 6.10
N ASN C 142 21.10 -13.02 5.63
CA ASN C 142 22.07 -12.25 6.44
C ASN C 142 22.15 -10.83 5.85
N VAL C 143 22.18 -9.81 6.71
CA VAL C 143 22.27 -8.38 6.29
C VAL C 143 23.68 -8.13 5.75
N GLN C 144 24.71 -8.58 6.48
CA GLN C 144 26.15 -8.41 6.12
C GLN C 144 26.42 -9.04 4.74
N LYS C 145 25.80 -10.18 4.47
CA LYS C 145 25.92 -10.95 3.19
C LYS C 145 25.40 -10.08 2.03
N ASP C 146 24.15 -9.60 2.15
CA ASP C 146 23.41 -8.84 1.11
C ASP C 146 24.10 -7.49 0.84
N LEU C 147 24.62 -6.83 1.89
CA LEU C 147 25.33 -5.54 1.79
C LEU C 147 26.56 -5.70 0.88
N GLU C 148 27.27 -6.82 0.98
CA GLU C 148 28.44 -7.14 0.12
C GLU C 148 27.99 -7.21 -1.34
N ARG C 149 26.89 -7.92 -1.64
CA ARG C 149 26.32 -8.04 -3.01
C ARG C 149 25.99 -6.65 -3.54
N LEU C 150 25.16 -5.90 -2.80
CA LEU C 150 24.64 -4.56 -3.19
C LEU C 150 25.81 -3.59 -3.45
N THR C 151 26.90 -3.70 -2.69
CA THR C 151 28.11 -2.85 -2.82
C THR C 151 28.72 -3.06 -4.21
N GLN C 152 28.85 -4.33 -4.64
CA GLN C 152 29.49 -4.70 -5.93
C GLN C 152 28.56 -4.38 -7.10
N GLU C 153 27.24 -4.48 -6.91
CA GLU C 153 26.21 -4.12 -7.93
C GLU C 153 26.32 -2.63 -8.27
N ARG C 154 26.56 -1.77 -7.27
CA ARG C 154 26.71 -0.29 -7.44
C ARG C 154 28.05 0.04 -8.11
N ILE C 155 29.09 -0.78 -7.90
CA ILE C 155 30.44 -0.57 -8.51
C ILE C 155 30.34 -0.76 -10.02
N ALA C 156 29.69 -1.84 -10.47
CA ALA C 156 29.51 -2.21 -11.89
C ALA C 156 28.54 -1.22 -12.55
N HIS C 157 27.48 -0.83 -11.83
CA HIS C 157 26.44 0.15 -12.24
C HIS C 157 27.07 1.52 -12.50
N GLN C 158 27.97 1.97 -11.62
CA GLN C 158 28.65 3.30 -11.73
C GLN C 158 29.75 3.24 -12.81
N ARG C 159 30.39 2.07 -13.00
CA ARG C 159 31.40 1.83 -14.06
C ARG C 159 30.69 1.35 -15.33
N MET D 1 -5.06 -6.24 18.17
CA MET D 1 -6.10 -5.68 17.25
C MET D 1 -7.26 -5.15 18.09
N ASP D 2 -7.68 -3.91 17.82
CA ASP D 2 -8.70 -3.17 18.62
C ASP D 2 -10.11 -3.57 18.14
N VAL D 3 -11.02 -3.77 19.10
CA VAL D 3 -12.46 -4.09 18.88
C VAL D 3 -13.28 -2.92 19.43
N PHE D 4 -14.22 -2.39 18.65
CA PHE D 4 -15.06 -1.21 19.01
C PHE D 4 -16.48 -1.69 19.35
N LEU D 5 -16.86 -1.55 20.61
CA LEU D 5 -18.10 -2.12 21.19
C LEU D 5 -19.11 -1.00 21.48
N MET D 6 -20.38 -1.37 21.51
CA MET D 6 -21.55 -0.52 21.86
C MET D 6 -22.30 -1.24 22.99
N ILE D 7 -22.00 -0.91 24.24
CA ILE D 7 -22.56 -1.59 25.44
C ILE D 7 -23.92 -0.96 25.76
N ARG D 8 -25.00 -1.75 25.75
CA ARG D 8 -26.40 -1.26 25.73
C ARG D 8 -27.22 -1.88 26.85
N ARG D 9 -28.17 -1.10 27.41
CA ARG D 9 -29.14 -1.50 28.46
C ARG D 9 -30.23 -0.43 28.56
N HIS D 10 -31.50 -0.83 28.43
CA HIS D 10 -32.69 0.07 28.43
C HIS D 10 -32.48 1.17 27.38
N LYS D 11 -32.43 2.45 27.80
CA LYS D 11 -32.27 3.62 26.91
C LYS D 11 -30.88 4.25 27.14
N THR D 12 -29.90 3.44 27.54
CA THR D 12 -28.48 3.83 27.71
C THR D 12 -27.63 3.00 26.74
N THR D 13 -26.48 3.54 26.33
CA THR D 13 -25.55 2.92 25.34
C THR D 13 -24.17 3.58 25.48
N ILE D 14 -23.15 2.76 25.76
CA ILE D 14 -21.73 3.19 25.99
C ILE D 14 -20.89 2.81 24.78
N PHE D 15 -20.30 3.80 24.11
CA PHE D 15 -19.29 3.62 23.03
C PHE D 15 -17.90 3.58 23.67
N THR D 16 -17.23 2.42 23.60
CA THR D 16 -15.86 2.20 24.12
C THR D 16 -15.13 1.16 23.26
N ASP D 17 -13.81 1.24 23.19
CA ASP D 17 -12.96 0.25 22.49
C ASP D 17 -12.33 -0.68 23.54
N ALA D 18 -11.71 -1.77 23.07
CA ALA D 18 -11.04 -2.80 23.91
C ALA D 18 -10.19 -3.69 22.99
N LYS D 19 -9.14 -4.28 23.53
CA LYS D 19 -8.25 -5.24 22.81
C LYS D 19 -9.06 -6.52 22.53
N GLU D 20 -8.70 -7.26 21.48
CA GLU D 20 -9.30 -8.58 21.15
C GLU D 20 -8.88 -9.59 22.24
N SER D 21 -7.66 -9.44 22.78
CA SER D 21 -7.08 -10.29 23.84
C SER D 21 -7.67 -9.96 25.22
N SER D 22 -8.35 -8.80 25.34
CA SER D 22 -9.06 -8.35 26.57
C SER D 22 -10.17 -9.35 26.94
N THR D 23 -10.45 -9.52 28.23
CA THR D 23 -11.45 -10.46 28.79
C THR D 23 -12.79 -9.75 29.01
N VAL D 24 -13.86 -10.52 29.15
CA VAL D 24 -15.26 -10.04 29.40
C VAL D 24 -15.30 -9.30 30.75
N PHE D 25 -14.46 -9.72 31.70
CA PHE D 25 -14.35 -9.14 33.06
C PHE D 25 -13.78 -7.72 32.99
N GLU D 26 -12.75 -7.51 32.16
CA GLU D 26 -12.08 -6.20 31.97
C GLU D 26 -13.07 -5.20 31.34
N LEU D 27 -14.08 -5.69 30.62
CA LEU D 27 -15.15 -4.85 30.02
C LEU D 27 -16.16 -4.45 31.09
N LYS D 28 -16.43 -5.34 32.06
CA LYS D 28 -17.28 -5.05 33.25
C LYS D 28 -16.59 -3.99 34.13
N ARG D 29 -15.26 -4.01 34.17
CA ARG D 29 -14.42 -3.03 34.92
C ARG D 29 -14.58 -1.62 34.34
N ILE D 30 -14.75 -1.51 33.01
CA ILE D 30 -14.97 -0.22 32.31
C ILE D 30 -16.40 0.26 32.62
N VAL D 31 -17.39 -0.63 32.52
CA VAL D 31 -18.83 -0.35 32.81
C VAL D 31 -18.95 0.18 34.26
N GLU D 32 -18.24 -0.44 35.20
CA GLU D 32 -18.18 -0.02 36.62
C GLU D 32 -17.64 1.42 36.70
N GLY D 33 -16.52 1.69 36.03
CA GLY D 33 -15.86 3.01 36.01
C GLY D 33 -16.79 4.13 35.57
N ILE D 34 -17.79 3.79 34.73
CA ILE D 34 -18.74 4.76 34.11
C ILE D 34 -20.04 4.80 34.93
N LEU D 35 -20.73 3.67 35.07
CA LEU D 35 -22.11 3.58 35.64
C LEU D 35 -22.07 3.24 37.14
N LYS D 36 -20.88 3.08 37.73
CA LYS D 36 -20.68 2.92 39.20
C LYS D 36 -21.47 1.70 39.71
N ARG D 37 -21.07 0.51 39.26
CA ARG D 37 -21.72 -0.79 39.58
C ARG D 37 -20.68 -1.90 39.59
N PRO D 38 -20.28 -2.43 40.78
CA PRO D 38 -19.34 -3.56 40.85
C PRO D 38 -19.56 -4.66 39.81
N PRO D 39 -18.50 -5.34 39.34
CA PRO D 39 -18.60 -6.28 38.23
C PRO D 39 -19.48 -7.51 38.48
N ASP D 40 -19.58 -7.94 39.75
CA ASP D 40 -20.40 -9.12 40.16
C ASP D 40 -21.90 -8.80 40.04
N GLU D 41 -22.27 -7.51 39.94
CA GLU D 41 -23.69 -7.05 39.89
C GLU D 41 -24.14 -6.81 38.45
N GLN D 42 -23.30 -7.13 37.45
CA GLN D 42 -23.63 -6.92 36.00
C GLN D 42 -23.36 -8.21 35.22
N ARG D 43 -24.11 -8.41 34.13
CA ARG D 43 -23.95 -9.53 33.16
C ARG D 43 -23.83 -8.92 31.75
N LEU D 44 -23.04 -9.57 30.87
CA LEU D 44 -22.82 -9.15 29.47
C LEU D 44 -23.29 -10.25 28.52
N TYR D 45 -24.12 -9.89 27.53
CA TYR D 45 -24.75 -10.80 26.55
C TYR D 45 -24.29 -10.44 25.13
N LYS D 46 -24.31 -11.43 24.23
CA LYS D 46 -24.14 -11.23 22.76
C LYS D 46 -25.27 -11.98 22.05
N ASP D 47 -26.40 -11.29 21.80
CA ASP D 47 -27.59 -11.82 21.10
C ASP D 47 -28.23 -12.93 21.95
N ASP D 48 -28.53 -12.62 23.23
CA ASP D 48 -29.18 -13.54 24.20
C ASP D 48 -28.24 -14.71 24.51
N GLN D 49 -26.97 -14.41 24.81
CA GLN D 49 -25.91 -15.41 25.09
C GLN D 49 -25.00 -14.89 26.21
N LEU D 50 -25.16 -15.43 27.42
CA LEU D 50 -24.33 -15.10 28.61
C LEU D 50 -22.85 -15.31 28.27
N LEU D 51 -22.00 -14.34 28.64
CA LEU D 51 -20.53 -14.38 28.42
C LEU D 51 -19.82 -14.65 29.76
N ASP D 52 -18.95 -15.66 29.81
CA ASP D 52 -18.10 -15.96 30.99
C ASP D 52 -17.08 -14.84 31.16
N ASP D 53 -16.77 -14.49 32.41
CA ASP D 53 -15.81 -13.42 32.80
C ASP D 53 -14.39 -13.81 32.38
N GLY D 54 -14.10 -15.12 32.31
CA GLY D 54 -12.77 -15.68 31.97
C GLY D 54 -12.46 -15.61 30.47
N LYS D 55 -13.49 -15.70 29.62
CA LYS D 55 -13.37 -15.72 28.14
C LYS D 55 -12.87 -14.35 27.64
N THR D 56 -12.07 -14.33 26.57
CA THR D 56 -11.61 -13.10 25.88
C THR D 56 -12.65 -12.68 24.83
N LEU D 57 -12.66 -11.40 24.45
CA LEU D 57 -13.66 -10.81 23.51
C LEU D 57 -13.53 -11.49 22.15
N GLY D 58 -12.32 -11.87 21.75
CA GLY D 58 -12.03 -12.63 20.51
C GLY D 58 -12.72 -13.98 20.52
N GLU D 59 -12.69 -14.69 21.65
CA GLU D 59 -13.30 -16.04 21.84
C GLU D 59 -14.84 -15.92 21.87
N CYS D 60 -15.36 -14.74 22.23
CA CYS D 60 -16.81 -14.44 22.29
C CYS D 60 -17.35 -14.13 20.89
N GLY D 61 -16.47 -13.78 19.94
CA GLY D 61 -16.82 -13.57 18.52
C GLY D 61 -16.64 -12.12 18.08
N PHE D 62 -16.30 -11.22 19.00
CA PHE D 62 -15.93 -9.80 18.69
C PHE D 62 -14.53 -9.80 18.08
N THR D 63 -14.42 -9.48 16.79
CA THR D 63 -13.15 -9.42 16.03
C THR D 63 -13.05 -8.06 15.31
N SER D 64 -11.88 -7.78 14.72
CA SER D 64 -11.59 -6.53 13.96
C SER D 64 -12.64 -6.30 12.86
N GLN D 65 -13.11 -7.36 12.19
CA GLN D 65 -14.06 -7.27 11.05
C GLN D 65 -15.50 -7.09 11.57
N THR D 66 -15.85 -7.71 12.70
CA THR D 66 -17.21 -7.65 13.31
C THR D 66 -17.44 -6.31 14.01
N ALA D 67 -16.50 -5.91 14.88
CA ALA D 67 -16.60 -4.72 15.75
C ALA D 67 -15.67 -3.62 15.23
N ARG D 68 -16.15 -2.80 14.29
CA ARG D 68 -15.37 -1.71 13.65
C ARG D 68 -15.85 -0.36 14.18
N PRO D 69 -15.00 0.70 14.12
CA PRO D 69 -15.39 2.04 14.56
C PRO D 69 -16.73 2.50 13.98
N GLN D 70 -16.86 2.45 12.65
CA GLN D 70 -18.04 2.95 11.88
C GLN D 70 -19.25 2.03 12.08
N ALA D 71 -19.03 0.78 12.48
CA ALA D 71 -20.08 -0.27 12.67
C ALA D 71 -19.74 -1.10 13.90
N PRO D 72 -19.88 -0.55 15.12
CA PRO D 72 -19.52 -1.26 16.34
C PRO D 72 -20.52 -2.39 16.66
N ALA D 73 -20.03 -3.42 17.37
CA ALA D 73 -20.79 -4.63 17.77
C ALA D 73 -21.53 -4.36 19.07
N THR D 74 -22.78 -4.81 19.18
CA THR D 74 -23.68 -4.60 20.35
C THR D 74 -23.37 -5.63 21.44
N VAL D 75 -23.21 -5.16 22.68
CA VAL D 75 -23.05 -5.99 23.92
C VAL D 75 -24.24 -5.70 24.82
N GLY D 76 -25.01 -6.73 25.19
CA GLY D 76 -26.12 -6.60 26.15
C GLY D 76 -25.62 -6.42 27.56
N LEU D 77 -26.33 -5.63 28.39
CA LEU D 77 -25.98 -5.39 29.81
C LEU D 77 -27.25 -5.51 30.68
N ALA D 78 -27.12 -6.15 31.85
CA ALA D 78 -28.17 -6.32 32.88
C ALA D 78 -27.57 -6.12 34.27
N PHE D 79 -28.33 -5.57 35.21
CA PHE D 79 -27.89 -5.26 36.60
C PHE D 79 -28.61 -6.16 37.60
N ARG D 80 -28.29 -5.99 38.89
CA ARG D 80 -28.76 -6.80 40.06
C ARG D 80 -27.99 -8.12 40.08
N THR D 84 -31.39 -11.49 42.47
CA THR D 84 -32.13 -11.79 41.21
C THR D 84 -31.76 -10.75 40.13
N PHE D 85 -31.02 -11.20 39.11
CA PHE D 85 -30.68 -10.40 37.88
C PHE D 85 -31.95 -10.14 37.07
N GLU D 86 -32.10 -8.91 36.57
CA GLU D 86 -33.23 -8.49 35.69
C GLU D 86 -33.07 -9.17 34.33
N ALA D 87 -34.18 -9.36 33.60
CA ALA D 87 -34.20 -9.85 32.20
C ALA D 87 -33.54 -8.80 31.31
N LEU D 88 -32.69 -9.24 30.37
CA LEU D 88 -31.98 -8.35 29.41
C LEU D 88 -33.03 -7.58 28.59
N CYS D 89 -33.00 -6.25 28.65
CA CYS D 89 -33.96 -5.34 27.96
C CYS D 89 -33.20 -4.18 27.32
N ILE D 90 -32.96 -4.25 26.01
CA ILE D 90 -32.38 -3.16 25.17
C ILE D 90 -33.52 -2.53 24.36
N GLU D 91 -33.95 -1.32 24.75
CA GLU D 91 -34.94 -0.51 23.98
C GLU D 91 -34.37 -0.22 22.61
N PRO D 92 -35.10 -0.49 21.51
CA PRO D 92 -34.59 -0.24 20.17
C PRO D 92 -34.60 1.26 19.85
N PHE D 93 -33.67 1.71 19.00
CA PHE D 93 -33.60 3.11 18.50
C PHE D 93 -34.83 3.39 17.64
N SER D 94 -35.14 4.66 17.42
CA SER D 94 -36.27 5.14 16.58
C SER D 94 -36.13 4.63 15.15
N SER D 95 -37.22 4.63 14.39
CA SER D 95 -37.27 4.21 12.96
C SER D 95 -37.01 5.42 12.07
N PRO D 96 -36.19 5.28 11.00
CA PRO D 96 -36.07 6.34 10.00
C PRO D 96 -37.30 6.35 9.10
N PRO D 97 -37.76 7.53 8.63
CA PRO D 97 -38.96 7.59 7.77
C PRO D 97 -38.69 6.99 6.38
N GLU D 98 -39.76 6.69 5.64
CA GLU D 98 -39.71 6.14 4.25
C GLU D 98 -38.98 7.15 3.34
N LEU D 99 -38.50 6.71 2.17
CA LEU D 99 -37.73 7.54 1.22
C LEU D 99 -38.69 8.29 0.28
N MET E 2 -13.71 12.73 31.60
CA MET E 2 -13.26 11.52 30.83
C MET E 2 -14.33 11.18 29.78
N TYR E 3 -15.58 10.97 30.21
CA TYR E 3 -16.75 10.67 29.36
C TYR E 3 -17.74 11.83 29.40
N VAL E 4 -18.62 11.90 28.40
CA VAL E 4 -19.77 12.86 28.33
C VAL E 4 -21.01 12.09 27.91
N LYS E 5 -22.20 12.62 28.23
CA LYS E 5 -23.51 12.01 27.92
C LYS E 5 -24.20 12.87 26.85
N LEU E 6 -24.55 12.24 25.72
CA LEU E 6 -25.35 12.86 24.63
C LEU E 6 -26.75 12.23 24.66
N ILE E 7 -27.79 13.05 24.79
CA ILE E 7 -29.20 12.60 24.92
C ILE E 7 -29.95 12.97 23.64
N SER E 8 -30.71 12.01 23.08
CA SER E 8 -31.49 12.16 21.83
C SER E 8 -32.89 12.70 22.15
N SER E 9 -33.62 13.14 21.13
CA SER E 9 -34.98 13.72 21.22
C SER E 9 -35.92 12.77 21.96
N ASP E 10 -35.72 11.46 21.80
CA ASP E 10 -36.60 10.39 22.35
C ASP E 10 -35.86 9.65 23.48
N GLY E 11 -35.22 10.37 24.40
CA GLY E 11 -34.74 9.83 25.69
C GLY E 11 -33.34 9.23 25.62
N HIS E 12 -33.09 8.34 24.65
CA HIS E 12 -31.83 7.56 24.53
C HIS E 12 -30.61 8.38 24.96
N GLU E 13 -29.80 7.83 25.88
CA GLU E 13 -28.53 8.42 26.38
C GLU E 13 -27.37 7.71 25.70
N PHE E 14 -26.35 8.47 25.27
CA PHE E 14 -25.14 7.97 24.58
C PHE E 14 -23.90 8.44 25.35
N ILE E 15 -23.31 7.56 26.15
CA ILE E 15 -22.04 7.84 26.88
C ILE E 15 -20.88 7.66 25.88
N VAL E 16 -20.08 8.71 25.70
CA VAL E 16 -19.02 8.84 24.67
C VAL E 16 -17.84 9.61 25.28
N LYS E 17 -16.60 9.21 24.95
CA LYS E 17 -15.36 9.86 25.42
C LYS E 17 -15.40 11.36 25.06
N ARG E 18 -15.05 12.23 26.01
CA ARG E 18 -15.07 13.71 25.85
C ARG E 18 -14.27 14.08 24.59
N GLU E 19 -13.05 13.54 24.47
CA GLU E 19 -12.11 13.82 23.35
C GLU E 19 -12.75 13.41 22.01
N HIS E 20 -13.63 12.41 22.01
CA HIS E 20 -14.38 11.95 20.81
C HIS E 20 -15.43 12.99 20.42
N ALA E 21 -16.23 13.43 21.39
CA ALA E 21 -17.39 14.35 21.20
C ALA E 21 -16.91 15.75 20.77
N LEU E 22 -15.70 16.15 21.15
CA LEU E 22 -15.11 17.48 20.81
C LEU E 22 -14.81 17.58 19.31
N THR E 23 -14.89 16.46 18.58
CA THR E 23 -14.83 16.39 17.09
C THR E 23 -15.88 17.34 16.49
N SER E 24 -17.02 17.53 17.18
CA SER E 24 -18.12 18.45 16.81
C SER E 24 -17.83 19.86 17.35
N GLY E 25 -17.91 20.88 16.48
CA GLY E 25 -17.74 22.30 16.83
C GLY E 25 -18.86 22.79 17.74
N THR E 26 -20.10 22.36 17.48
CA THR E 26 -21.30 22.67 18.29
C THR E 26 -21.12 22.13 19.70
N ILE E 27 -20.88 20.82 19.84
CA ILE E 27 -20.72 20.13 21.17
C ILE E 27 -19.56 20.81 21.92
N LYS E 28 -18.44 21.06 21.23
CA LYS E 28 -17.24 21.73 21.79
C LYS E 28 -17.63 23.09 22.40
N ALA E 29 -18.50 23.84 21.72
CA ALA E 29 -18.97 25.19 22.12
C ALA E 29 -19.94 25.08 23.32
N MET E 30 -20.79 24.04 23.32
CA MET E 30 -21.88 23.86 24.33
C MET E 30 -21.28 23.58 25.73
N LEU E 31 -20.23 22.76 25.82
CA LEU E 31 -19.63 22.35 27.13
C LEU E 31 -18.19 22.84 27.23
N THR E 42 -21.61 20.62 32.22
CA THR E 42 -20.44 20.33 31.35
C THR E 42 -20.16 18.81 31.25
N ASN E 43 -21.11 17.96 31.65
CA ASN E 43 -21.04 16.47 31.50
C ASN E 43 -22.11 15.99 30.51
N GLU E 44 -23.31 16.57 30.54
CA GLU E 44 -24.48 16.12 29.75
C GLU E 44 -24.82 17.19 28.69
N VAL E 45 -25.27 16.75 27.50
CA VAL E 45 -25.75 17.62 26.40
C VAL E 45 -27.04 17.00 25.83
N ASN E 46 -28.13 17.77 25.80
CA ASN E 46 -29.45 17.31 25.31
C ASN E 46 -29.72 17.90 23.92
N PHE E 47 -30.05 17.04 22.96
CA PHE E 47 -30.48 17.42 21.58
C PHE E 47 -31.99 17.19 21.46
N ARG E 48 -32.76 18.27 21.29
CA ARG E 48 -34.25 18.22 21.27
C ARG E 48 -34.77 17.78 19.89
N GLU E 49 -33.92 17.83 18.84
CA GLU E 49 -34.36 17.60 17.44
C GLU E 49 -33.52 16.53 16.73
N ILE E 50 -32.69 15.77 17.44
CA ILE E 50 -31.89 14.65 16.85
C ILE E 50 -32.33 13.34 17.50
N PRO E 51 -32.96 12.41 16.74
CA PRO E 51 -33.42 11.14 17.30
C PRO E 51 -32.32 10.06 17.40
N SER E 52 -32.63 8.96 18.10
CA SER E 52 -31.69 7.86 18.46
C SER E 52 -30.92 7.38 17.22
N HIS E 53 -31.63 6.95 16.18
CA HIS E 53 -31.07 6.28 14.98
C HIS E 53 -30.06 7.20 14.29
N VAL E 54 -30.17 8.52 14.48
CA VAL E 54 -29.23 9.54 13.90
C VAL E 54 -28.05 9.71 14.86
N LEU E 55 -28.31 10.04 16.13
CA LEU E 55 -27.25 10.39 17.12
C LEU E 55 -26.31 9.20 17.33
N SER E 56 -26.84 7.97 17.30
CA SER E 56 -26.04 6.71 17.37
C SER E 56 -25.02 6.68 16.23
N LYS E 57 -25.46 7.00 15.01
CA LYS E 57 -24.59 7.06 13.80
C LYS E 57 -23.54 8.17 13.95
N VAL E 58 -23.91 9.29 14.57
CA VAL E 58 -23.01 10.46 14.77
C VAL E 58 -21.89 10.07 15.73
N CYS E 59 -22.22 9.31 16.78
CA CYS E 59 -21.25 8.77 17.78
C CYS E 59 -20.29 7.79 17.10
N MET E 60 -20.82 6.95 16.19
CA MET E 60 -20.01 6.01 15.38
C MET E 60 -19.02 6.82 14.52
N TYR E 61 -19.47 7.94 13.94
CA TYR E 61 -18.61 8.84 13.14
C TYR E 61 -17.49 9.40 14.03
N PHE E 62 -17.79 9.77 15.28
CA PHE E 62 -16.79 10.34 16.23
C PHE E 62 -15.66 9.33 16.44
N THR E 63 -15.97 8.06 16.69
CA THR E 63 -14.95 7.00 16.98
C THR E 63 -14.15 6.75 15.69
N TYR E 64 -14.83 6.69 14.54
CA TYR E 64 -14.24 6.53 13.18
C TYR E 64 -13.24 7.66 12.91
N LYS E 65 -13.66 8.91 13.13
CA LYS E 65 -12.89 10.15 12.85
C LYS E 65 -11.63 10.17 13.71
N VAL E 66 -11.76 9.91 15.01
CA VAL E 66 -10.63 9.89 15.99
C VAL E 66 -9.67 8.76 15.59
N ARG E 67 -10.20 7.62 15.13
CA ARG E 67 -9.44 6.37 14.87
C ARG E 67 -8.58 6.50 13.60
N TYR E 68 -9.09 7.13 12.53
CA TYR E 68 -8.50 7.03 11.17
C TYR E 68 -7.85 8.34 10.70
N THR E 69 -7.95 9.44 11.45
CA THR E 69 -7.28 10.72 11.10
C THR E 69 -5.76 10.55 11.24
N ASN E 70 -5.32 9.69 12.17
CA ASN E 70 -3.88 9.48 12.47
C ASN E 70 -3.27 8.48 11.50
N SER E 71 -4.10 7.63 10.87
CA SER E 71 -3.69 6.63 9.84
C SER E 71 -3.01 7.33 8.66
N SER E 72 -2.15 6.63 7.93
CA SER E 72 -1.33 7.20 6.81
C SER E 72 -1.26 6.26 5.60
N THR E 73 -1.81 5.04 5.72
CA THR E 73 -1.63 3.93 4.75
C THR E 73 -2.94 3.68 3.98
N GLU E 74 -4.04 3.52 4.70
CA GLU E 74 -5.35 3.08 4.14
C GLU E 74 -6.42 3.24 5.21
N ILE E 75 -7.53 3.92 4.88
CA ILE E 75 -8.73 4.01 5.76
C ILE E 75 -9.91 3.44 5.00
N PRO E 76 -10.92 2.87 5.71
CA PRO E 76 -12.15 2.42 5.07
C PRO E 76 -13.15 3.56 4.86
N GLU E 77 -14.12 3.35 3.98
CA GLU E 77 -15.28 4.24 3.76
C GLU E 77 -16.12 4.27 5.04
N PHE E 78 -16.70 5.42 5.38
CA PHE E 78 -17.74 5.54 6.44
C PHE E 78 -19.10 5.26 5.81
N PRO E 79 -19.75 4.12 6.12
CA PRO E 79 -20.99 3.73 5.47
C PRO E 79 -22.16 4.57 5.99
N ILE E 80 -23.14 4.86 5.11
CA ILE E 80 -24.40 5.58 5.42
C ILE E 80 -25.54 4.94 4.62
N ALA E 81 -26.46 4.26 5.30
CA ALA E 81 -27.67 3.65 4.70
C ALA E 81 -28.51 4.76 4.08
N PRO E 82 -28.99 4.61 2.82
CA PRO E 82 -29.84 5.61 2.18
C PRO E 82 -30.98 6.15 3.08
N GLU E 83 -31.53 5.31 3.96
CA GLU E 83 -32.66 5.65 4.86
C GLU E 83 -32.29 6.82 5.78
N ILE E 84 -31.08 6.80 6.34
CA ILE E 84 -30.61 7.75 7.40
C ILE E 84 -29.98 8.99 6.73
N ALA E 85 -29.58 8.89 5.46
CA ALA E 85 -28.75 9.89 4.72
C ALA E 85 -29.28 11.31 4.94
N LEU E 86 -30.57 11.56 4.71
CA LEU E 86 -31.18 12.92 4.76
C LEU E 86 -31.11 13.51 6.17
N GLU E 87 -31.53 12.75 7.18
CA GLU E 87 -31.57 13.20 8.60
C GLU E 87 -30.14 13.38 9.13
N LEU E 88 -29.23 12.49 8.75
CA LEU E 88 -27.81 12.51 9.19
C LEU E 88 -27.11 13.77 8.64
N LEU E 89 -27.44 14.17 7.40
CA LEU E 89 -26.93 15.41 6.77
C LEU E 89 -27.31 16.62 7.65
N MET E 90 -28.60 16.78 7.94
CA MET E 90 -29.15 17.92 8.72
C MET E 90 -28.50 17.95 10.11
N ALA E 91 -28.24 16.78 10.70
CA ALA E 91 -27.58 16.61 12.01
C ALA E 91 -26.12 17.05 11.91
N ALA E 92 -25.40 16.56 10.89
CA ALA E 92 -23.98 16.86 10.60
C ALA E 92 -23.81 18.38 10.41
N ASN E 93 -24.81 19.03 9.81
CA ASN E 93 -24.83 20.50 9.56
C ASN E 93 -24.94 21.23 10.90
N PHE E 94 -25.90 20.83 11.74
CA PHE E 94 -26.19 21.43 13.06
C PHE E 94 -24.97 21.27 13.98
N LEU E 95 -24.31 20.11 13.95
CA LEU E 95 -23.21 19.74 14.88
C LEU E 95 -21.86 20.30 14.41
N ASP E 96 -21.76 20.71 13.14
CA ASP E 96 -20.50 21.24 12.52
C ASP E 96 -19.40 20.19 12.67
N CYS E 97 -19.57 19.03 12.03
CA CYS E 97 -18.55 17.95 11.93
C CYS E 97 -18.68 17.22 10.59
N PRO F 10 -0.05 30.12 -15.49
CA PRO F 10 -0.58 29.71 -14.18
C PRO F 10 0.54 29.56 -13.13
N VAL F 11 0.24 28.91 -12.00
CA VAL F 11 1.16 28.68 -10.85
C VAL F 11 1.28 27.17 -10.62
N LEU F 12 0.15 26.47 -10.51
CA LEU F 12 0.07 24.99 -10.43
C LEU F 12 0.08 24.40 -11.84
N ARG F 13 1.26 23.94 -12.28
CA ARG F 13 1.48 23.31 -13.61
C ARG F 13 2.69 22.38 -13.52
N SER F 14 2.78 21.42 -14.44
CA SER F 14 3.96 20.55 -14.63
C SER F 14 5.06 21.37 -15.30
N VAL F 15 6.31 21.21 -14.84
CA VAL F 15 7.53 21.75 -15.51
C VAL F 15 7.86 20.81 -16.66
N ASN F 16 8.24 21.34 -17.83
CA ASN F 16 8.61 20.51 -19.00
C ASN F 16 10.11 20.19 -18.94
N SER F 17 10.55 19.54 -17.85
CA SER F 17 11.84 18.80 -17.78
C SER F 17 11.65 17.53 -18.63
N ARG F 18 12.70 17.08 -19.31
CA ARG F 18 12.67 15.79 -20.05
C ARG F 18 13.45 14.76 -19.22
N GLU F 19 13.41 14.93 -17.90
CA GLU F 19 14.09 14.06 -16.89
C GLU F 19 13.09 13.00 -16.45
N PRO F 20 13.27 11.72 -16.83
CA PRO F 20 12.29 10.68 -16.53
C PRO F 20 12.20 10.38 -15.03
N SER F 21 11.04 9.88 -14.59
CA SER F 21 10.76 9.50 -13.18
C SER F 21 9.83 8.28 -13.15
N GLN F 22 10.36 7.12 -12.73
CA GLN F 22 9.59 5.86 -12.56
C GLN F 22 8.76 5.99 -11.28
N VAL F 23 7.43 5.91 -11.41
CA VAL F 23 6.46 6.11 -10.31
C VAL F 23 5.59 4.85 -10.20
N ILE F 24 5.02 4.59 -9.03
CA ILE F 24 3.96 3.57 -8.80
C ILE F 24 2.72 4.28 -8.24
N PHE F 25 1.61 4.31 -8.99
CA PHE F 25 0.26 4.67 -8.48
C PHE F 25 -0.32 3.43 -7.81
N CYS F 26 -0.78 3.59 -6.57
CA CYS F 26 -1.40 2.53 -5.75
C CYS F 26 -2.74 3.01 -5.20
N ASN F 27 -3.84 2.41 -5.65
CA ASN F 27 -5.21 2.79 -5.24
C ASN F 27 -5.59 1.99 -3.98
N ARG F 28 -5.41 2.59 -2.80
CA ARG F 28 -5.82 2.01 -1.49
C ARG F 28 -7.08 2.74 -1.01
N SER F 29 -7.98 3.09 -1.93
CA SER F 29 -9.36 3.58 -1.67
C SER F 29 -10.35 2.55 -2.19
N PRO F 30 -11.59 2.52 -1.67
CA PRO F 30 -12.65 1.66 -2.22
C PRO F 30 -13.32 2.26 -3.47
N ARG F 31 -12.89 3.46 -3.88
CA ARG F 31 -13.42 4.20 -5.06
C ARG F 31 -12.60 3.84 -6.31
N VAL F 32 -13.18 4.07 -7.49
CA VAL F 32 -12.44 4.03 -8.80
C VAL F 32 -11.75 5.39 -8.95
N VAL F 33 -10.42 5.39 -9.07
CA VAL F 33 -9.59 6.63 -9.05
C VAL F 33 -9.31 7.10 -10.49
N LEU F 34 -9.48 8.40 -10.72
CA LEU F 34 -9.21 9.11 -12.01
C LEU F 34 -8.00 10.00 -11.79
N PRO F 35 -6.80 9.60 -12.23
CA PRO F 35 -5.61 10.44 -12.09
C PRO F 35 -5.73 11.64 -13.03
N VAL F 36 -5.30 12.81 -12.58
CA VAL F 36 -5.33 14.07 -13.39
C VAL F 36 -3.92 14.64 -13.40
N TRP F 37 -3.28 14.63 -14.57
CA TRP F 37 -1.98 15.30 -14.81
C TRP F 37 -2.25 16.76 -15.16
N LEU F 38 -1.60 17.69 -14.45
CA LEU F 38 -1.64 19.14 -14.80
C LEU F 38 -0.58 19.37 -15.89
N ASN F 39 -1.02 19.65 -17.11
CA ASN F 39 -0.10 19.83 -18.27
C ASN F 39 0.68 21.15 -18.09
N PHE F 40 1.48 21.51 -19.08
CA PHE F 40 2.50 22.59 -18.99
C PHE F 40 1.84 23.96 -18.91
N ASP F 41 0.55 24.06 -19.26
CA ASP F 41 -0.26 25.31 -19.22
C ASP F 41 -1.15 25.34 -17.96
N GLY F 42 -1.09 24.30 -17.13
CA GLY F 42 -1.86 24.18 -15.88
C GLY F 42 -3.25 23.59 -16.08
N GLU F 43 -3.60 23.22 -17.32
CA GLU F 43 -4.91 22.63 -17.69
C GLU F 43 -4.92 21.17 -17.23
N PRO F 44 -6.00 20.67 -16.59
CA PRO F 44 -6.04 19.30 -16.09
C PRO F 44 -6.38 18.28 -17.19
N GLN F 45 -5.61 17.19 -17.28
CA GLN F 45 -5.78 16.10 -18.27
C GLN F 45 -6.21 14.81 -17.56
N PRO F 46 -7.35 14.19 -17.95
CA PRO F 46 -7.73 12.89 -17.39
C PRO F 46 -6.88 11.76 -18.00
N TYR F 47 -6.39 10.86 -17.15
CA TYR F 47 -5.66 9.62 -17.52
C TYR F 47 -6.57 8.42 -17.26
N PRO F 48 -6.23 7.21 -17.74
CA PRO F 48 -7.08 6.04 -17.53
C PRO F 48 -7.28 5.78 -16.02
N THR F 49 -8.47 5.32 -15.63
CA THR F 49 -8.87 5.15 -14.20
C THR F 49 -8.20 3.89 -13.63
N LEU F 50 -7.92 3.91 -12.31
CA LEU F 50 -7.39 2.76 -11.53
C LEU F 50 -8.53 2.10 -10.77
N PRO F 51 -8.82 0.79 -10.98
CA PRO F 51 -9.82 0.10 -10.17
C PRO F 51 -9.39 0.04 -8.70
N PRO F 52 -10.32 -0.17 -7.74
CA PRO F 52 -9.96 -0.19 -6.32
C PRO F 52 -9.03 -1.36 -5.96
N GLY F 53 -8.05 -1.10 -5.10
CA GLY F 53 -7.10 -2.10 -4.57
C GLY F 53 -5.99 -2.44 -5.56
N THR F 54 -6.02 -1.89 -6.78
CA THR F 54 -5.03 -2.17 -7.85
C THR F 54 -3.91 -1.13 -7.78
N GLY F 55 -2.73 -1.50 -8.28
CA GLY F 55 -1.57 -0.62 -8.47
C GLY F 55 -0.95 -0.84 -9.83
N ARG F 56 -0.14 0.12 -10.29
CA ARG F 56 0.33 0.22 -11.70
C ARG F 56 1.66 0.97 -11.72
N ARG F 57 2.65 0.50 -12.49
CA ARG F 57 3.88 1.27 -12.80
C ARG F 57 3.48 2.43 -13.71
N ILE F 58 4.08 3.60 -13.50
CA ILE F 58 3.78 4.86 -14.25
C ILE F 58 5.10 5.48 -14.70
N HIS F 59 5.22 5.75 -15.99
CA HIS F 59 6.28 6.61 -16.55
C HIS F 59 5.82 8.06 -16.47
N SER F 60 6.47 8.85 -15.62
CA SER F 60 6.29 10.32 -15.50
C SER F 60 7.66 10.98 -15.55
N TYR F 61 7.73 12.29 -15.25
CA TYR F 61 8.96 13.11 -15.32
C TYR F 61 9.05 13.99 -14.07
N ARG F 62 10.26 14.42 -13.71
CA ARG F 62 10.51 15.30 -12.55
C ARG F 62 9.69 16.58 -12.73
N GLY F 63 9.10 17.09 -11.64
CA GLY F 63 8.38 18.38 -11.62
C GLY F 63 7.02 18.31 -12.29
N HIS F 64 6.49 17.11 -12.50
CA HIS F 64 5.14 16.88 -13.10
C HIS F 64 4.11 16.78 -11.97
N LEU F 65 3.06 17.60 -12.02
CA LEU F 65 2.03 17.69 -10.95
C LEU F 65 0.89 16.73 -11.26
N TRP F 66 0.55 15.87 -10.30
CA TRP F 66 -0.58 14.91 -10.34
C TRP F 66 -1.60 15.26 -9.25
N LEU F 67 -2.79 14.71 -9.37
CA LEU F 67 -3.97 15.01 -8.52
C LEU F 67 -5.01 13.92 -8.80
N PHE F 68 -5.58 13.30 -7.77
CA PHE F 68 -6.44 12.08 -7.88
C PHE F 68 -7.87 12.39 -7.44
N ARG F 69 -8.83 11.75 -8.11
CA ARG F 69 -10.29 12.00 -7.97
C ARG F 69 -11.08 10.70 -8.06
N ASP F 70 -12.27 10.66 -7.46
CA ASP F 70 -13.28 9.61 -7.72
C ASP F 70 -13.75 9.78 -9.16
N ALA F 71 -13.51 8.79 -10.02
CA ALA F 71 -13.85 8.83 -11.46
C ALA F 71 -15.34 9.15 -11.65
N GLY F 72 -16.19 8.70 -10.74
CA GLY F 72 -17.66 8.82 -10.81
C GLY F 72 -18.15 10.19 -10.40
N THR F 73 -17.77 10.66 -9.20
CA THR F 73 -18.35 11.84 -8.51
C THR F 73 -17.42 13.06 -8.56
N HIS F 74 -16.13 12.86 -8.84
CA HIS F 74 -15.04 13.88 -8.82
C HIS F 74 -14.74 14.31 -7.38
N ASP F 75 -15.09 13.49 -6.38
CA ASP F 75 -14.69 13.67 -4.96
C ASP F 75 -13.16 13.67 -4.88
N GLY F 76 -12.56 14.64 -4.20
CA GLY F 76 -11.10 14.71 -3.99
C GLY F 76 -10.58 13.53 -3.20
N LEU F 77 -9.36 13.09 -3.50
CA LEU F 77 -8.63 12.02 -2.78
C LEU F 77 -7.25 12.53 -2.38
N LEU F 78 -6.64 11.91 -1.37
CA LEU F 78 -5.26 12.21 -0.91
C LEU F 78 -4.28 11.29 -1.64
N VAL F 79 -3.02 11.72 -1.73
CA VAL F 79 -1.89 10.92 -2.27
C VAL F 79 -0.68 11.18 -1.37
N ASN F 80 -0.25 10.15 -0.63
CA ASN F 80 0.79 10.26 0.43
C ASN F 80 0.39 11.36 1.43
N GLN F 81 -0.91 11.43 1.77
CA GLN F 81 -1.50 12.28 2.86
C GLN F 81 -1.45 13.77 2.47
N THR F 82 -1.36 14.08 1.18
CA THR F 82 -1.46 15.46 0.61
C THR F 82 -2.37 15.40 -0.61
N GLU F 83 -2.72 16.56 -1.17
CA GLU F 83 -3.69 16.68 -2.29
C GLU F 83 -2.94 16.53 -3.64
N LEU F 84 -1.71 17.04 -3.72
CA LEU F 84 -0.86 17.05 -4.95
C LEU F 84 0.29 16.04 -4.80
N PHE F 85 0.66 15.38 -5.89
CA PHE F 85 1.85 14.50 -5.98
C PHE F 85 2.79 15.03 -7.06
N VAL F 86 4.06 15.23 -6.71
CA VAL F 86 5.15 15.67 -7.64
C VAL F 86 6.30 14.68 -7.50
N PRO F 87 6.62 13.88 -8.56
CA PRO F 87 7.73 12.93 -8.50
C PRO F 87 9.07 13.60 -8.19
N SER F 88 9.85 12.98 -7.30
CA SER F 88 11.16 13.44 -6.80
C SER F 88 12.25 13.01 -7.79
N LEU F 89 13.50 12.92 -7.32
CA LEU F 89 14.64 12.35 -8.08
C LEU F 89 14.67 10.83 -7.85
N ASN F 90 14.76 10.03 -8.92
CA ASN F 90 14.94 8.56 -8.82
C ASN F 90 16.35 8.29 -8.27
N VAL F 91 16.51 8.22 -6.94
CA VAL F 91 17.82 7.95 -6.29
C VAL F 91 18.18 6.49 -6.59
N ASP F 92 19.26 6.25 -7.34
CA ASP F 92 19.75 4.89 -7.72
C ASP F 92 18.68 4.15 -8.54
N GLY F 93 17.83 4.87 -9.28
CA GLY F 93 16.77 4.29 -10.13
C GLY F 93 15.64 3.64 -9.34
N GLN F 94 15.52 3.95 -8.03
CA GLN F 94 14.45 3.44 -7.13
C GLN F 94 13.13 4.11 -7.48
N PRO F 95 12.02 3.36 -7.69
CA PRO F 95 10.72 3.95 -7.95
C PRO F 95 10.20 4.84 -6.82
N ILE F 96 9.46 5.90 -7.18
CA ILE F 96 8.73 6.82 -6.26
C ILE F 96 7.30 6.28 -6.11
N PHE F 97 6.88 5.97 -4.88
CA PHE F 97 5.53 5.43 -4.58
C PHE F 97 4.55 6.58 -4.32
N ALA F 98 3.37 6.49 -4.92
CA ALA F 98 2.22 7.41 -4.72
C ALA F 98 1.04 6.59 -4.21
N ASN F 99 0.80 6.65 -2.89
CA ASN F 99 -0.24 5.87 -2.16
C ASN F 99 -1.53 6.70 -2.09
N ILE F 100 -2.54 6.33 -2.87
CA ILE F 100 -3.83 7.07 -3.02
C ILE F 100 -4.84 6.50 -2.03
N THR F 101 -5.41 7.37 -1.18
CA THR F 101 -6.35 6.99 -0.09
C THR F 101 -7.52 7.97 -0.01
N LEU F 102 -8.61 7.54 0.62
CA LEU F 102 -9.70 8.44 1.06
C LEU F 102 -9.14 9.40 2.10
N PRO F 103 -9.58 10.67 2.12
CA PRO F 103 -9.39 11.52 3.29
C PRO F 103 -10.46 11.12 4.32
N VAL F 104 -10.27 11.48 5.59
CA VAL F 104 -11.35 11.38 6.61
C VAL F 104 -12.28 12.57 6.36
N TYR F 105 -13.26 12.40 5.45
CA TYR F 105 -14.26 13.45 5.11
C TYR F 105 -15.00 13.86 6.39
N THR F 106 -15.35 15.14 6.50
CA THR F 106 -16.31 15.65 7.52
C THR F 106 -17.65 14.94 7.26
N LEU F 107 -18.38 14.58 8.33
CA LEU F 107 -19.66 13.84 8.25
C LEU F 107 -20.62 14.57 7.30
N LYS F 108 -20.57 15.90 7.28
CA LYS F 108 -21.37 16.78 6.38
C LYS F 108 -21.06 16.45 4.91
N GLU F 109 -19.78 16.58 4.51
CA GLU F 109 -19.35 16.37 3.10
C GLU F 109 -19.58 14.91 2.70
N ARG F 110 -19.49 13.98 3.65
CA ARG F 110 -19.68 12.53 3.43
C ARG F 110 -21.17 12.23 3.18
N CYS F 111 -22.08 12.94 3.86
CA CYS F 111 -23.55 12.77 3.72
C CYS F 111 -24.00 13.33 2.36
N LEU F 112 -23.50 14.51 1.99
CA LEU F 112 -23.76 15.15 0.67
C LEU F 112 -23.45 14.15 -0.45
N GLN F 113 -22.29 13.50 -0.38
CA GLN F 113 -21.84 12.47 -1.37
C GLN F 113 -22.92 11.40 -1.55
N VAL F 114 -23.47 10.88 -0.45
CA VAL F 114 -24.45 9.76 -0.46
C VAL F 114 -25.78 10.27 -1.02
N VAL F 115 -26.18 11.49 -0.66
CA VAL F 115 -27.46 12.10 -1.14
C VAL F 115 -27.35 12.37 -2.65
N ARG F 116 -26.18 12.85 -3.11
CA ARG F 116 -25.90 13.12 -4.56
C ARG F 116 -25.97 11.83 -5.37
N SER F 117 -25.45 10.72 -4.81
CA SER F 117 -25.32 9.41 -5.48
C SER F 117 -26.68 8.74 -5.64
N LEU F 118 -27.72 9.21 -4.92
CA LEU F 118 -29.08 8.62 -4.91
C LEU F 118 -30.08 9.53 -5.64
N VAL F 119 -29.90 10.85 -5.56
CA VAL F 119 -30.88 11.86 -6.08
C VAL F 119 -30.28 12.53 -7.33
N LYS F 120 -31.11 12.70 -8.38
CA LYS F 120 -30.74 13.39 -9.64
C LYS F 120 -30.68 14.89 -9.40
N PRO F 121 -29.70 15.62 -9.97
CA PRO F 121 -29.52 17.06 -9.71
C PRO F 121 -30.77 17.94 -9.79
N GLU F 122 -31.74 17.61 -10.64
CA GLU F 122 -32.99 18.41 -10.83
C GLU F 122 -33.95 18.16 -9.68
N ASN F 123 -33.75 17.09 -8.90
CA ASN F 123 -34.66 16.65 -7.81
C ASN F 123 -34.12 17.07 -6.44
N TYR F 124 -32.90 17.64 -6.36
CA TYR F 124 -32.32 18.19 -5.11
C TYR F 124 -33.35 19.13 -4.45
N ARG F 125 -34.06 19.90 -5.29
CA ARG F 125 -35.08 20.91 -4.87
C ARG F 125 -36.28 20.24 -4.19
N ARG F 126 -36.52 18.94 -4.44
CA ARG F 126 -37.69 18.19 -3.91
C ARG F 126 -37.34 17.47 -2.60
N LEU F 127 -36.10 17.58 -2.13
CA LEU F 127 -35.65 17.02 -0.81
C LEU F 127 -36.13 17.95 0.30
N ASP F 128 -36.63 17.36 1.40
CA ASP F 128 -37.22 18.10 2.55
C ASP F 128 -36.10 18.51 3.52
N ILE F 129 -35.36 19.57 3.17
CA ILE F 129 -34.16 20.06 3.92
C ILE F 129 -34.09 21.59 3.81
N VAL F 130 -33.18 22.22 4.56
CA VAL F 130 -33.00 23.71 4.63
C VAL F 130 -32.41 24.18 3.30
N ARG F 131 -32.66 25.44 2.92
CA ARG F 131 -32.22 26.05 1.64
C ARG F 131 -30.69 26.04 1.52
N SER F 132 -29.97 26.07 2.66
CA SER F 132 -28.48 26.09 2.72
C SER F 132 -27.90 24.72 2.36
N LEU F 133 -28.68 23.64 2.48
CA LEU F 133 -28.25 22.26 2.13
C LEU F 133 -28.49 21.98 0.64
N TYR F 134 -29.46 22.67 0.02
CA TYR F 134 -29.69 22.66 -1.45
C TYR F 134 -28.45 23.20 -2.16
N GLU F 135 -28.00 24.39 -1.74
CA GLU F 135 -26.85 25.11 -2.34
C GLU F 135 -25.55 24.34 -2.08
N ASP F 136 -25.49 23.54 -1.02
CA ASP F 136 -24.32 22.67 -0.68
C ASP F 136 -24.34 21.41 -1.55
N LEU F 137 -25.52 20.90 -1.92
CA LEU F 137 -25.70 19.72 -2.81
C LEU F 137 -25.27 20.08 -4.24
N GLU F 138 -25.76 21.20 -4.76
CA GLU F 138 -25.53 21.68 -6.15
C GLU F 138 -24.06 22.08 -6.34
N ASP F 139 -23.35 22.41 -5.25
CA ASP F 139 -21.90 22.77 -5.27
C ASP F 139 -21.06 21.49 -5.33
N HIS F 140 -21.10 20.78 -6.47
CA HIS F 140 -20.36 19.51 -6.72
C HIS F 140 -18.87 19.72 -6.48
N PRO F 141 -18.15 18.68 -5.98
CA PRO F 141 -16.69 18.70 -5.98
C PRO F 141 -16.18 18.93 -7.40
N ASN F 142 -15.13 19.74 -7.55
CA ASN F 142 -14.68 20.29 -8.84
C ASN F 142 -13.15 20.42 -8.80
N VAL F 143 -12.48 20.06 -9.90
CA VAL F 143 -10.98 20.14 -10.03
C VAL F 143 -10.58 21.61 -10.11
N GLN F 144 -11.27 22.39 -10.96
CA GLN F 144 -10.99 23.83 -11.21
C GLN F 144 -11.14 24.61 -9.89
N LYS F 145 -12.12 24.24 -9.06
CA LYS F 145 -12.42 24.85 -7.74
C LYS F 145 -11.23 24.65 -6.80
N ASP F 146 -10.79 23.38 -6.63
CA ASP F 146 -9.70 22.97 -5.71
C ASP F 146 -8.36 23.57 -6.14
N LEU F 147 -8.09 23.65 -7.45
CA LEU F 147 -6.85 24.24 -8.02
C LEU F 147 -6.72 25.70 -7.55
N GLU F 148 -7.82 26.45 -7.54
CA GLU F 148 -7.86 27.86 -7.05
C GLU F 148 -7.42 27.92 -5.58
N ARG F 149 -7.99 27.05 -4.74
CA ARG F 149 -7.65 26.96 -3.29
C ARG F 149 -6.16 26.66 -3.13
N LEU F 150 -5.69 25.57 -3.75
CA LEU F 150 -4.30 25.07 -3.64
C LEU F 150 -3.31 26.14 -4.10
N THR F 151 -3.66 26.94 -5.10
CA THR F 151 -2.81 28.03 -5.64
C THR F 151 -2.55 29.06 -4.52
N GLN F 152 -3.61 29.46 -3.80
CA GLN F 152 -3.55 30.50 -2.73
C GLN F 152 -2.85 29.95 -1.49
N GLU F 153 -3.02 28.65 -1.20
CA GLU F 153 -2.36 27.95 -0.05
C GLU F 153 -0.83 28.01 -0.24
N ARG F 154 -0.35 27.82 -1.47
CA ARG F 154 1.10 27.81 -1.82
C ARG F 154 1.66 29.24 -1.78
N ILE F 155 0.83 30.27 -2.03
CA ILE F 155 1.25 31.71 -2.01
C ILE F 155 1.84 32.05 -0.64
N ALA F 156 1.29 31.48 0.44
CA ALA F 156 1.83 31.55 1.81
C ALA F 156 3.12 30.71 1.90
N VAL G 20 38.46 -11.60 -33.26
CA VAL G 20 37.02 -11.51 -32.88
C VAL G 20 36.90 -11.12 -31.41
N SER G 21 37.78 -11.64 -30.54
CA SER G 21 37.91 -11.24 -29.11
C SER G 21 38.14 -9.72 -29.01
N GLU G 22 39.00 -9.18 -29.88
CA GLU G 22 39.39 -7.75 -29.90
C GLU G 22 38.24 -6.90 -30.47
N GLN G 23 37.46 -7.44 -31.41
CA GLN G 23 36.27 -6.76 -32.01
C GLN G 23 35.15 -6.65 -30.97
N LEU G 24 34.89 -7.73 -30.22
CA LEU G 24 33.87 -7.76 -29.14
C LEU G 24 34.29 -6.83 -28.00
N LYS G 25 35.60 -6.59 -27.82
CA LYS G 25 36.14 -5.63 -26.82
C LYS G 25 35.81 -4.20 -27.27
N CYS G 26 35.82 -3.92 -28.58
CA CYS G 26 35.38 -2.63 -29.18
C CYS G 26 33.89 -2.41 -28.87
N CYS G 27 33.07 -3.40 -29.18
CA CYS G 27 31.58 -3.40 -28.98
C CYS G 27 31.25 -2.98 -27.55
N SER G 28 31.85 -3.62 -26.54
CA SER G 28 31.72 -3.24 -25.10
C SER G 28 32.03 -1.74 -24.95
N GLY G 29 33.12 -1.27 -25.57
CA GLY G 29 33.56 0.13 -25.54
C GLY G 29 32.55 1.07 -26.18
N ILE G 30 31.90 0.63 -27.26
CA ILE G 30 30.82 1.38 -27.98
C ILE G 30 29.62 1.51 -27.03
N LEU G 31 29.12 0.37 -26.54
CA LEU G 31 27.96 0.28 -25.61
C LEU G 31 28.26 1.09 -24.34
N LYS G 32 29.48 0.99 -23.83
CA LYS G 32 29.96 1.76 -22.65
C LYS G 32 29.77 3.27 -22.92
N GLU G 33 30.06 3.73 -24.14
CA GLU G 33 29.97 5.15 -24.53
C GLU G 33 28.50 5.55 -24.71
N MET G 34 27.65 4.66 -25.23
CA MET G 34 26.20 4.91 -25.43
C MET G 34 25.51 5.12 -24.07
N PHE G 35 26.06 4.55 -23.00
CA PHE G 35 25.57 4.72 -21.60
C PHE G 35 26.18 5.97 -20.95
N ALA G 36 27.23 6.56 -21.55
CA ALA G 36 27.95 7.74 -21.01
C ALA G 36 26.99 8.92 -20.86
N LYS G 37 27.22 9.74 -19.82
CA LYS G 37 26.34 10.86 -19.39
C LYS G 37 26.18 11.90 -20.52
N LYS G 38 27.20 12.07 -21.37
CA LYS G 38 27.19 13.10 -22.45
C LYS G 38 26.06 12.79 -23.45
N HIS G 39 25.69 11.50 -23.60
CA HIS G 39 24.64 11.04 -24.55
C HIS G 39 23.29 10.83 -23.85
N ALA G 40 23.25 10.92 -22.51
CA ALA G 40 22.06 10.63 -21.66
C ALA G 40 20.84 11.45 -22.11
N ALA G 41 21.05 12.68 -22.60
CA ALA G 41 19.99 13.62 -23.03
C ALA G 41 19.05 12.96 -24.05
N TYR G 42 19.54 12.00 -24.83
CA TYR G 42 18.76 11.33 -25.91
C TYR G 42 18.91 9.80 -25.88
N ALA G 43 19.74 9.25 -24.99
CA ALA G 43 20.02 7.79 -24.92
C ALA G 43 19.09 7.11 -23.91
N TRP G 44 18.51 7.87 -22.97
CA TRP G 44 17.84 7.31 -21.76
C TRP G 44 16.66 6.41 -22.12
N PRO G 45 15.88 6.68 -23.20
CA PRO G 45 14.75 5.81 -23.53
C PRO G 45 15.13 4.34 -23.81
N PHE G 46 16.38 4.09 -24.20
CA PHE G 46 16.86 2.79 -24.73
C PHE G 46 17.68 2.03 -23.68
N TYR G 47 17.86 2.61 -22.48
CA TYR G 47 18.64 2.00 -21.38
C TYR G 47 18.00 0.64 -21.02
N LYS G 48 16.77 0.66 -20.52
CA LYS G 48 16.05 -0.54 -19.98
C LYS G 48 15.01 -1.02 -20.99
N PRO G 49 14.52 -2.28 -20.87
CA PRO G 49 13.47 -2.79 -21.76
C PRO G 49 12.21 -1.92 -21.70
N VAL G 50 11.46 -1.86 -22.79
CA VAL G 50 10.21 -1.05 -22.91
C VAL G 50 9.17 -1.65 -21.95
N ASP G 51 8.84 -0.88 -20.91
CA ASP G 51 7.85 -1.24 -19.87
C ASP G 51 6.46 -0.87 -20.40
N VAL G 52 5.73 -1.84 -20.96
CA VAL G 52 4.45 -1.58 -21.69
C VAL G 52 3.39 -1.09 -20.70
N GLU G 53 3.41 -1.58 -19.46
CA GLU G 53 2.45 -1.14 -18.41
C GLU G 53 2.71 0.33 -18.08
N ALA G 54 3.97 0.69 -17.81
CA ALA G 54 4.41 2.04 -17.38
C ALA G 54 4.09 3.08 -18.45
N LEU G 55 4.25 2.72 -19.73
CA LEU G 55 4.03 3.64 -20.89
C LEU G 55 2.56 3.61 -21.35
N GLY G 56 1.75 2.72 -20.76
CA GLY G 56 0.30 2.62 -21.02
C GLY G 56 -0.02 2.18 -22.44
N LEU G 57 0.79 1.26 -22.98
CA LEU G 57 0.66 0.74 -24.37
C LEU G 57 0.00 -0.64 -24.32
N HIS G 58 -1.06 -0.84 -25.12
CA HIS G 58 -1.84 -2.11 -25.22
C HIS G 58 -1.63 -2.72 -26.62
N ASP G 59 -0.49 -2.47 -27.24
CA ASP G 59 -0.27 -2.56 -28.72
C ASP G 59 1.14 -3.10 -29.01
N TYR G 60 2.11 -2.69 -28.20
CA TYR G 60 3.57 -2.83 -28.44
C TYR G 60 3.94 -4.29 -28.74
N CYS G 61 3.37 -5.25 -28.02
CA CYS G 61 3.73 -6.69 -28.09
C CYS G 61 3.20 -7.34 -29.38
N ASP G 62 2.10 -6.81 -29.94
CA ASP G 62 1.54 -7.27 -31.24
C ASP G 62 2.48 -6.86 -32.38
N ILE G 63 2.88 -5.58 -32.39
CA ILE G 63 3.65 -4.92 -33.47
C ILE G 63 5.13 -5.33 -33.38
N ILE G 64 5.73 -5.24 -32.19
CA ILE G 64 7.17 -5.52 -31.94
C ILE G 64 7.33 -6.95 -31.42
N LYS G 65 7.73 -7.88 -32.31
CA LYS G 65 7.84 -9.34 -32.02
C LYS G 65 9.06 -9.59 -31.13
N HIS G 66 10.19 -8.93 -31.40
CA HIS G 66 11.49 -9.13 -30.69
C HIS G 66 11.92 -7.83 -30.02
N PRO G 67 11.51 -7.57 -28.76
CA PRO G 67 11.99 -6.39 -28.03
C PRO G 67 13.50 -6.45 -27.80
N MET G 68 14.16 -5.28 -27.71
CA MET G 68 15.62 -5.17 -27.48
C MET G 68 15.95 -3.80 -26.89
N ASP G 69 17.04 -3.72 -26.12
CA ASP G 69 17.48 -2.53 -25.36
C ASP G 69 18.94 -2.70 -24.93
N MET G 70 19.60 -1.61 -24.52
CA MET G 70 21.06 -1.58 -24.22
C MET G 70 21.38 -2.48 -23.02
N SER G 71 20.50 -2.51 -22.01
CA SER G 71 20.63 -3.34 -20.78
C SER G 71 20.66 -4.82 -21.16
N THR G 72 19.72 -5.28 -21.99
CA THR G 72 19.65 -6.67 -22.50
C THR G 72 20.93 -7.01 -23.27
N ILE G 73 21.35 -6.11 -24.17
CA ILE G 73 22.59 -6.25 -25.01
C ILE G 73 23.81 -6.40 -24.11
N LYS G 74 23.89 -5.61 -23.03
CA LYS G 74 25.04 -5.58 -22.08
C LYS G 74 25.19 -6.96 -21.43
N SER G 75 24.06 -7.59 -21.07
CA SER G 75 23.99 -8.95 -20.45
C SER G 75 24.53 -9.99 -21.43
N LYS G 76 24.09 -9.92 -22.68
CA LYS G 76 24.46 -10.87 -23.76
C LYS G 76 25.96 -10.71 -24.08
N LEU G 77 26.50 -9.51 -23.89
CA LEU G 77 27.94 -9.19 -24.13
C LEU G 77 28.79 -9.82 -23.03
N GLU G 78 28.37 -9.69 -21.77
CA GLU G 78 29.08 -10.22 -20.58
C GLU G 78 28.89 -11.74 -20.51
N ALA G 79 27.77 -12.26 -21.03
CA ALA G 79 27.42 -13.70 -21.07
C ALA G 79 28.01 -14.36 -22.34
N ARG G 80 28.69 -13.57 -23.19
CA ARG G 80 29.43 -14.04 -24.39
C ARG G 80 28.45 -14.79 -25.31
N GLU G 81 27.28 -14.22 -25.55
CA GLU G 81 26.21 -14.79 -26.42
C GLU G 81 26.36 -14.26 -27.86
N TYR G 82 27.25 -13.29 -28.08
CA TYR G 82 27.53 -12.70 -29.42
C TYR G 82 28.81 -13.32 -30.00
N ARG G 83 28.69 -14.07 -31.09
CA ARG G 83 29.79 -14.83 -31.73
C ARG G 83 30.79 -13.88 -32.40
N ASP G 84 30.27 -12.91 -33.18
CA ASP G 84 31.07 -11.86 -33.87
C ASP G 84 30.43 -10.49 -33.58
N ALA G 85 31.02 -9.42 -34.11
CA ALA G 85 30.55 -8.03 -33.95
C ALA G 85 29.27 -7.81 -34.77
N GLN G 86 29.06 -8.60 -35.82
CA GLN G 86 27.90 -8.47 -36.75
C GLN G 86 26.62 -8.98 -36.08
N GLU G 87 26.75 -9.88 -35.10
CA GLU G 87 25.60 -10.37 -34.29
C GLU G 87 25.22 -9.29 -33.27
N PHE G 88 26.21 -8.59 -32.72
CA PHE G 88 26.04 -7.49 -31.73
C PHE G 88 25.37 -6.28 -32.39
N GLY G 89 25.84 -5.90 -33.58
CA GLY G 89 25.31 -4.77 -34.37
C GLY G 89 23.87 -5.00 -34.78
N ALA G 90 23.53 -6.23 -35.18
CA ALA G 90 22.16 -6.66 -35.59
C ALA G 90 21.17 -6.33 -34.47
N ASP G 91 21.51 -6.62 -33.21
CA ASP G 91 20.66 -6.41 -32.01
C ASP G 91 20.55 -4.91 -31.71
N VAL G 92 21.64 -4.14 -31.88
CA VAL G 92 21.64 -2.66 -31.66
C VAL G 92 20.73 -2.02 -32.70
N ARG G 93 20.74 -2.54 -33.94
CA ARG G 93 19.91 -2.03 -35.05
C ARG G 93 18.45 -2.47 -34.85
N LEU G 94 18.23 -3.65 -34.28
CA LEU G 94 16.88 -4.16 -33.92
C LEU G 94 16.25 -3.18 -32.93
N MET G 95 16.98 -2.83 -31.88
CA MET G 95 16.57 -1.83 -30.85
C MET G 95 16.01 -0.58 -31.54
N PHE G 96 16.77 0.00 -32.47
CA PHE G 96 16.41 1.24 -33.21
C PHE G 96 15.25 0.95 -34.17
N SER G 97 15.29 -0.18 -34.88
CA SER G 97 14.23 -0.63 -35.82
C SER G 97 12.87 -0.66 -35.11
N ASN G 98 12.82 -1.31 -33.95
CA ASN G 98 11.59 -1.45 -33.12
C ASN G 98 11.02 -0.05 -32.88
N CYS G 99 11.87 0.90 -32.47
CA CYS G 99 11.48 2.30 -32.16
C CYS G 99 10.89 2.97 -33.41
N TYR G 100 11.54 2.82 -34.57
CA TYR G 100 11.11 3.43 -35.86
C TYR G 100 9.82 2.77 -36.34
N LYS G 101 9.67 1.46 -36.14
CA LYS G 101 8.49 0.66 -36.56
C LYS G 101 7.25 1.12 -35.78
N TYR G 102 7.37 1.25 -34.47
CA TYR G 102 6.22 1.52 -33.55
C TYR G 102 5.78 2.98 -33.66
N ASN G 103 6.74 3.93 -33.69
CA ASN G 103 6.45 5.38 -33.59
C ASN G 103 6.39 6.02 -34.97
N PRO G 104 5.53 7.05 -35.18
CA PRO G 104 5.58 7.88 -36.39
C PRO G 104 6.84 8.74 -36.37
N PRO G 105 7.36 9.17 -37.54
CA PRO G 105 8.63 9.90 -37.61
C PRO G 105 8.67 11.23 -36.85
N ASP G 106 7.52 11.87 -36.60
CA ASP G 106 7.43 13.20 -35.94
C ASP G 106 7.57 13.07 -34.41
N HIS G 107 7.39 11.88 -33.84
CA HIS G 107 7.48 11.61 -32.38
C HIS G 107 8.89 11.90 -31.89
N GLU G 108 9.00 12.48 -30.69
CA GLU G 108 10.26 12.96 -30.06
C GLU G 108 11.28 11.81 -29.97
N VAL G 109 10.81 10.60 -29.63
CA VAL G 109 11.65 9.40 -29.35
C VAL G 109 12.41 9.00 -30.62
N VAL G 110 11.84 9.25 -31.80
CA VAL G 110 12.49 8.89 -33.10
C VAL G 110 13.71 9.79 -33.29
N ALA G 111 13.55 11.10 -33.05
CA ALA G 111 14.63 12.11 -33.13
C ALA G 111 15.79 11.68 -32.22
N MET G 112 15.45 11.17 -31.03
CA MET G 112 16.41 10.68 -30.01
C MET G 112 17.08 9.40 -30.51
N ALA G 113 16.30 8.45 -31.05
CA ALA G 113 16.79 7.17 -31.61
C ALA G 113 17.83 7.44 -32.71
N ARG G 114 17.57 8.44 -33.56
CA ARG G 114 18.45 8.81 -34.71
C ARG G 114 19.75 9.40 -34.18
N LYS G 115 19.67 10.33 -33.21
CA LYS G 115 20.86 10.97 -32.58
C LYS G 115 21.73 9.89 -31.93
N LEU G 116 21.14 8.88 -31.30
CA LEU G 116 21.88 7.78 -30.64
C LEU G 116 22.44 6.82 -31.69
N GLN G 117 21.70 6.56 -32.77
CA GLN G 117 22.18 5.68 -33.88
C GLN G 117 23.33 6.39 -34.61
N ASP G 118 23.28 7.72 -34.75
CA ASP G 118 24.37 8.55 -35.33
C ASP G 118 25.68 8.24 -34.59
N VAL G 119 25.62 8.17 -33.26
CA VAL G 119 26.78 7.89 -32.36
C VAL G 119 27.27 6.45 -32.60
N PHE G 120 26.36 5.47 -32.55
CA PHE G 120 26.66 4.03 -32.70
C PHE G 120 27.30 3.75 -34.07
N GLU G 121 26.64 4.16 -35.15
CA GLU G 121 27.05 3.87 -36.56
C GLU G 121 28.44 4.46 -36.83
N MET G 122 28.73 5.63 -36.25
CA MET G 122 30.05 6.32 -36.38
C MET G 122 31.16 5.47 -35.76
N ARG G 123 30.96 4.97 -34.53
CA ARG G 123 31.97 4.17 -33.78
C ARG G 123 32.07 2.77 -34.39
N PHE G 124 30.93 2.15 -34.70
CA PHE G 124 30.82 0.76 -35.21
C PHE G 124 31.52 0.65 -36.58
N ALA G 125 31.55 1.74 -37.35
CA ALA G 125 32.16 1.79 -38.70
C ALA G 125 33.69 1.87 -38.61
N LYS G 126 34.23 2.29 -37.45
CA LYS G 126 35.65 2.69 -37.29
C LYS G 126 36.42 1.64 -36.49
N MET G 127 35.99 0.37 -36.52
CA MET G 127 36.62 -0.73 -35.73
C MET G 127 37.42 -1.63 -36.66
N PRO G 128 38.47 -2.34 -36.15
CA PRO G 128 39.29 -3.21 -37.00
C PRO G 128 38.53 -4.43 -37.53
N VAL H 20 0.93 49.30 19.95
CA VAL H 20 0.68 47.82 20.02
C VAL H 20 0.68 47.24 18.61
N SER H 21 0.00 47.91 17.67
CA SER H 21 -0.08 47.53 16.23
C SER H 21 1.32 47.49 15.63
N GLU H 22 2.16 48.48 15.97
CA GLU H 22 3.54 48.64 15.44
C GLU H 22 4.47 47.60 16.09
N GLN H 23 4.22 47.22 17.35
CA GLN H 23 5.00 46.20 18.08
C GLN H 23 4.71 44.82 17.48
N LEU H 24 3.44 44.51 17.21
CA LEU H 24 3.02 43.22 16.60
C LEU H 24 3.56 43.13 15.16
N LYS H 25 3.76 44.27 14.50
CA LYS H 25 4.38 44.33 13.14
C LYS H 25 5.86 43.92 13.23
N CYS H 26 6.56 44.30 14.31
CA CYS H 26 7.96 43.89 14.60
C CYS H 26 8.01 42.37 14.75
N CYS H 27 7.15 41.82 15.62
CA CYS H 27 7.05 40.38 15.95
C CYS H 27 6.97 39.55 14.67
N SER H 28 6.04 39.88 13.76
CA SER H 28 5.92 39.23 12.43
C SER H 28 7.28 39.28 11.72
N GLY H 29 7.96 40.43 11.75
CA GLY H 29 9.28 40.66 11.14
C GLY H 29 10.36 39.78 11.76
N ILE H 30 10.29 39.58 13.09
CA ILE H 30 11.22 38.70 13.86
C ILE H 30 11.01 37.25 13.40
N LEU H 31 9.76 36.78 13.48
CA LEU H 31 9.35 35.41 13.08
C LEU H 31 9.70 35.17 11.61
N LYS H 32 9.46 36.16 10.75
CA LYS H 32 9.81 36.14 9.30
C LYS H 32 11.30 35.83 9.15
N GLU H 33 12.15 36.43 9.99
CA GLU H 33 13.63 36.26 9.93
C GLU H 33 14.03 34.89 10.50
N MET H 34 13.33 34.39 11.52
CA MET H 34 13.60 33.07 12.13
C MET H 34 13.34 31.95 11.10
N PHE H 35 12.46 32.20 10.13
CA PHE H 35 12.14 31.27 9.01
C PHE H 35 13.12 31.45 7.84
N ALA H 36 13.90 32.53 7.82
CA ALA H 36 14.86 32.86 6.75
C ALA H 36 15.89 31.74 6.59
N LYS H 37 16.33 31.49 5.35
CA LYS H 37 17.18 30.35 4.95
C LYS H 37 18.54 30.41 5.68
N LYS H 38 19.03 31.60 6.01
CA LYS H 38 20.35 31.79 6.66
C LYS H 38 20.37 31.10 8.04
N HIS H 39 19.21 30.99 8.68
CA HIS H 39 19.04 30.39 10.04
C HIS H 39 18.59 28.93 9.96
N ALA H 40 18.22 28.45 8.77
CA ALA H 40 17.64 27.10 8.52
C ALA H 40 18.53 25.99 9.11
N ALA H 41 19.85 26.17 9.09
CA ALA H 41 20.85 25.18 9.57
C ALA H 41 20.54 24.73 11.00
N TYR H 42 19.91 25.57 11.81
CA TYR H 42 19.60 25.28 13.24
C TYR H 42 18.15 25.63 13.61
N ALA H 43 17.37 26.21 12.70
CA ALA H 43 15.98 26.66 12.97
C ALA H 43 14.98 25.56 12.61
N TRP H 44 15.36 24.61 11.74
CA TRP H 44 14.42 23.68 11.07
C TRP H 44 13.65 22.82 12.06
N PRO H 45 14.23 22.38 13.21
CA PRO H 45 13.48 21.55 14.16
C PRO H 45 12.20 22.21 14.71
N PHE H 46 12.14 23.54 14.70
CA PHE H 46 11.09 24.35 15.39
C PHE H 46 10.07 24.91 14.40
N TYR H 47 10.22 24.62 13.10
CA TYR H 47 9.29 25.06 12.03
C TYR H 47 7.88 24.54 12.35
N LYS H 48 7.69 23.22 12.34
CA LYS H 48 6.37 22.56 12.46
C LYS H 48 6.20 21.97 13.87
N PRO H 49 4.95 21.65 14.31
CA PRO H 49 4.72 21.02 15.60
C PRO H 49 5.46 19.67 15.72
N VAL H 50 5.84 19.29 16.93
CA VAL H 50 6.62 18.03 17.21
C VAL H 50 5.71 16.84 16.90
N ASP H 51 6.07 16.08 15.88
CA ASP H 51 5.36 14.85 15.44
C ASP H 51 5.87 13.67 16.29
N VAL H 52 5.13 13.30 17.34
CA VAL H 52 5.60 12.31 18.36
C VAL H 52 5.71 10.92 17.72
N GLU H 53 4.83 10.60 16.76
CA GLU H 53 4.85 9.29 16.05
C GLU H 53 6.13 9.23 15.19
N ALA H 54 6.39 10.28 14.40
CA ALA H 54 7.52 10.35 13.43
C ALA H 54 8.87 10.27 14.15
N LEU H 55 8.97 10.87 15.34
CA LEU H 55 10.22 10.93 16.14
C LEU H 55 10.32 9.72 17.08
N GLY H 56 9.28 8.89 17.14
CA GLY H 56 9.25 7.63 17.90
C GLY H 56 9.32 7.86 19.40
N LEU H 57 8.66 8.92 19.89
CA LEU H 57 8.66 9.33 21.32
C LEU H 57 7.36 8.87 21.98
N HIS H 58 7.45 8.19 23.13
CA HIS H 58 6.29 7.63 23.87
C HIS H 58 6.01 8.42 25.14
N ASP H 59 6.65 9.59 25.33
CA ASP H 59 6.60 10.33 26.62
C ASP H 59 6.47 11.84 26.43
N TYR H 60 6.61 12.40 25.22
CA TYR H 60 6.63 13.86 24.95
C TYR H 60 5.39 14.55 25.54
N CYS H 61 4.22 13.92 25.41
CA CYS H 61 2.90 14.49 25.79
C CYS H 61 2.73 14.50 27.33
N ASP H 62 3.39 13.58 28.04
CA ASP H 62 3.38 13.53 29.54
C ASP H 62 4.16 14.73 30.08
N ILE H 63 5.37 14.94 29.54
CA ILE H 63 6.37 15.93 30.04
C ILE H 63 5.97 17.33 29.55
N ILE H 64 5.68 17.48 28.26
CA ILE H 64 5.37 18.78 27.61
C ILE H 64 3.85 18.96 27.51
N LYS H 65 3.27 19.73 28.43
CA LYS H 65 1.80 19.92 28.56
C LYS H 65 1.28 20.83 27.43
N HIS H 66 2.03 21.88 27.09
CA HIS H 66 1.65 22.91 26.08
C HIS H 66 2.66 22.93 24.93
N PRO H 67 2.49 22.10 23.87
CA PRO H 67 3.37 22.15 22.71
C PRO H 67 3.28 23.49 22.00
N MET H 68 4.38 23.93 21.36
CA MET H 68 4.45 25.21 20.61
C MET H 68 5.55 25.14 19.56
N ASP H 69 5.39 25.91 18.47
CA ASP H 69 6.28 25.91 17.29
C ASP H 69 6.03 27.17 16.46
N MET H 70 6.95 27.51 15.56
CA MET H 70 6.93 28.77 14.77
C MET H 70 5.71 28.79 13.85
N SER H 71 5.33 27.65 13.26
CA SER H 71 4.15 27.51 12.35
C SER H 71 2.86 27.88 13.10
N THR H 72 2.67 27.33 14.31
CA THR H 72 1.50 27.62 15.18
C THR H 72 1.49 29.12 15.52
N ILE H 73 2.64 29.67 15.91
CA ILE H 73 2.83 31.12 16.30
C ILE H 73 2.44 32.00 15.10
N LYS H 74 2.85 31.61 13.89
CA LYS H 74 2.61 32.39 12.64
C LYS H 74 1.09 32.53 12.41
N SER H 75 0.34 31.45 12.65
CA SER H 75 -1.14 31.38 12.52
C SER H 75 -1.80 32.35 13.51
N LYS H 76 -1.34 32.32 14.77
CA LYS H 76 -1.87 33.15 15.88
C LYS H 76 -1.56 34.63 15.60
N LEU H 77 -0.47 34.90 14.89
CA LEU H 77 -0.04 36.28 14.50
C LEU H 77 -0.97 36.81 13.42
N GLU H 78 -1.26 36.00 12.40
CA GLU H 78 -2.13 36.36 11.26
C GLU H 78 -3.60 36.39 11.71
N ALA H 79 -3.96 35.58 12.71
CA ALA H 79 -5.32 35.49 13.31
C ALA H 79 -5.49 36.54 14.42
N ARG H 80 -4.45 37.33 14.71
CA ARG H 80 -4.46 38.46 15.67
C ARG H 80 -4.91 37.95 17.04
N GLU H 81 -4.34 36.83 17.49
CA GLU H 81 -4.67 36.15 18.77
C GLU H 81 -3.71 36.62 19.87
N TYR H 82 -2.68 37.42 19.51
CA TYR H 82 -1.71 38.01 20.45
C TYR H 82 -2.09 39.47 20.72
N ARG H 83 -2.46 39.79 21.96
CA ARG H 83 -2.96 41.14 22.36
C ARG H 83 -1.80 42.14 22.39
N ASP H 84 -0.66 41.77 22.98
CA ASP H 84 0.59 42.59 23.00
C ASP H 84 1.77 41.73 22.52
N ALA H 85 2.97 42.32 22.46
CA ALA H 85 4.23 41.65 22.05
C ALA H 85 4.68 40.68 23.14
N GLN H 86 4.28 40.91 24.39
CA GLN H 86 4.70 40.12 25.58
C GLN H 86 3.98 38.78 25.59
N GLU H 87 2.81 38.69 24.95
CA GLU H 87 2.05 37.42 24.76
C GLU H 87 2.73 36.60 23.66
N PHE H 88 3.24 37.25 22.62
CA PHE H 88 3.96 36.62 21.47
C PHE H 88 5.30 36.05 21.94
N GLY H 89 6.05 36.82 22.72
CA GLY H 89 7.36 36.42 23.27
C GLY H 89 7.23 35.22 24.20
N ALA H 90 6.19 35.20 25.03
CA ALA H 90 5.88 34.11 25.99
C ALA H 90 5.80 32.77 25.26
N ASP H 91 5.13 32.74 24.10
CA ASP H 91 4.91 31.53 23.26
C ASP H 91 6.24 31.12 22.59
N VAL H 92 7.05 32.08 22.14
CA VAL H 92 8.37 31.81 21.51
C VAL H 92 9.30 31.20 22.57
N ARG H 93 9.20 31.68 23.81
CA ARG H 93 10.04 31.18 24.94
C ARG H 93 9.51 29.82 25.41
N LEU H 94 8.19 29.60 25.33
CA LEU H 94 7.56 28.29 25.61
C LEU H 94 8.16 27.24 24.65
N MET H 95 8.16 27.54 23.35
CA MET H 95 8.76 26.69 22.28
C MET H 95 10.15 26.22 22.73
N PHE H 96 11.03 27.16 23.13
CA PHE H 96 12.42 26.87 23.53
C PHE H 96 12.43 26.13 24.87
N SER H 97 11.60 26.55 25.84
CA SER H 97 11.46 25.91 27.17
C SER H 97 11.15 24.41 27.01
N ASN H 98 10.14 24.09 26.19
CA ASN H 98 9.71 22.70 25.91
C ASN H 98 10.93 21.88 25.47
N CYS H 99 11.71 22.42 24.53
CA CYS H 99 12.92 21.75 23.98
C CYS H 99 13.95 21.48 25.09
N TYR H 100 14.22 22.48 25.92
CA TYR H 100 15.21 22.41 27.04
C TYR H 100 14.72 21.43 28.11
N LYS H 101 13.40 21.43 28.38
CA LYS H 101 12.76 20.58 29.42
C LYS H 101 12.87 19.11 29.03
N TYR H 102 12.53 18.78 27.78
CA TYR H 102 12.44 17.38 27.28
C TYR H 102 13.84 16.78 27.10
N ASN H 103 14.78 17.54 26.53
CA ASN H 103 16.10 17.02 26.11
C ASN H 103 17.16 17.25 27.18
N PRO H 104 18.13 16.32 27.34
CA PRO H 104 19.30 16.58 28.17
C PRO H 104 20.20 17.62 27.51
N PRO H 105 21.02 18.38 28.27
CA PRO H 105 21.77 19.51 27.73
C PRO H 105 22.77 19.17 26.61
N ASP H 106 23.25 17.93 26.56
CA ASP H 106 24.30 17.47 25.61
C ASP H 106 23.70 17.17 24.22
N HIS H 107 22.37 17.02 24.11
CA HIS H 107 21.66 16.73 22.83
C HIS H 107 21.86 17.87 21.83
N GLU H 108 22.05 17.52 20.56
CA GLU H 108 22.36 18.48 19.45
C GLU H 108 21.23 19.50 19.33
N VAL H 109 19.96 19.10 19.54
CA VAL H 109 18.76 19.96 19.35
C VAL H 109 18.79 21.14 20.32
N VAL H 110 19.38 20.95 21.50
CA VAL H 110 19.49 22.02 22.54
C VAL H 110 20.43 23.11 22.00
N ALA H 111 21.58 22.72 21.47
CA ALA H 111 22.59 23.62 20.86
C ALA H 111 21.92 24.45 19.77
N MET H 112 21.03 23.83 18.99
CA MET H 112 20.27 24.46 17.88
C MET H 112 19.24 25.44 18.47
N ALA H 113 18.50 25.01 19.51
CA ALA H 113 17.50 25.84 20.22
C ALA H 113 18.15 27.12 20.76
N ARG H 114 19.36 27.01 21.31
CA ARG H 114 20.12 28.15 21.90
C ARG H 114 20.53 29.12 20.79
N LYS H 115 21.09 28.60 19.69
CA LYS H 115 21.53 29.41 18.52
C LYS H 115 20.32 30.18 17.95
N LEU H 116 19.14 29.57 17.91
CA LEU H 116 17.91 30.21 17.38
C LEU H 116 17.37 31.22 18.41
N GLN H 117 17.47 30.92 19.70
CA GLN H 117 17.03 31.84 20.78
C GLN H 117 17.97 33.06 20.82
N ASP H 118 19.26 32.86 20.55
CA ASP H 118 20.27 33.95 20.41
C ASP H 118 19.76 34.97 19.38
N VAL H 119 19.24 34.50 18.25
CA VAL H 119 18.70 35.33 17.13
C VAL H 119 17.45 36.07 17.62
N PHE H 120 16.49 35.34 18.21
CA PHE H 120 15.20 35.89 18.68
C PHE H 120 15.42 36.98 19.74
N GLU H 121 16.16 36.65 20.80
CA GLU H 121 16.37 37.54 21.98
C GLU H 121 17.07 38.83 21.54
N MET H 122 17.97 38.77 20.56
CA MET H 122 18.69 39.94 19.99
C MET H 122 17.70 40.90 19.31
N ARG H 123 16.79 40.38 18.46
CA ARG H 123 15.81 41.19 17.70
C ARG H 123 14.70 41.68 18.65
N PHE H 124 14.21 40.79 19.51
CA PHE H 124 13.08 41.06 20.45
C PHE H 124 13.47 42.16 21.44
N ALA H 125 14.76 42.30 21.75
CA ALA H 125 15.31 43.29 22.71
C ALA H 125 15.37 44.68 22.07
N LYS H 126 15.27 44.78 20.74
CA LYS H 126 15.22 46.08 20.00
C LYS H 126 13.77 46.42 19.62
N MET H 127 12.80 46.01 20.43
CA MET H 127 11.36 46.28 20.26
C MET H 127 11.06 47.74 20.60
N PRO H 128 10.48 48.52 19.66
CA PRO H 128 10.02 49.89 19.98
C PRO H 128 9.10 49.92 21.20
N ASP H 129 9.13 51.02 21.96
CA ASP H 129 8.25 51.27 23.14
C ASP H 129 7.84 52.75 23.17
#